data_4GY2
#
_entry.id   4GY2
#
_cell.length_a   54.442
_cell.length_b   135.872
_cell.length_c   153.946
_cell.angle_alpha   90.00
_cell.angle_beta   90.00
_cell.angle_gamma   90.00
#
_symmetry.space_group_name_H-M   'P 21 21 21'
#
loop_
_entity.id
_entity.type
_entity.pdbx_description
1 polymer 'Iota toxin component Ia'
2 polymer 'Actin, alpha skeletal muscle'
3 non-polymer 'PHOSPHATE ION'
4 non-polymer 'CALCIUM ION'
5 non-polymer "ADENOSINE-5'-TRIPHOSPHATE"
6 non-polymer 'LATRUNCULIN A'
7 water water
#
loop_
_entity_poly.entity_id
_entity_poly.type
_entity_poly.pdbx_seq_one_letter_code
_entity_poly.pdbx_strand_id
1 'polypeptide(L)'
;RGSHMAFIERPEDFLKDKENAIQWEKKEAERVEKNLDTLEKEALELYKKDSEQISNYSQTRQYFYDYQIESNPREKEYKN
LRNAISKNKIDKPINVYYFESPEKFAFNKEIRTENQNEISLEKFNELKETIQDKLFKQDGFKDVSLYEPGNGDEKPTPLL
IHLKLPKNTGMLPYINSNDVKTLIEQDYSIKIDKIVRIVIEGKQYIKAEASIVNSLDFKDDVSKGDLWGKENYSDWSNKL
TPNELADVNDYMRGGYTAINNYLISNGPLNNPNPELDSKVNNIENALKLTPIPSNLIVYRRSGPQEFGLTLTSPEYDFNK
IENIDAFKEKWEGKVITYPNFISTSIGSVNMSAFAKRKIILRINIPKDSPGAYLSAIPGYAGEYEVLLNHGSKFKINKVD
SYKDGTVTKLILDATLIN
;
A
2 'polypeptide(L)'
;DEDETTALVCDNGSGLVKAGFAGDDAPRAVFPSIVGRPRHQGVMVGMGQKDSYVGDEAQSKRGILTLKYPIEHGIITNWD
DMEKIWHHTFYNELRVAPEEHPTLLTEAPLNPKANREKMTQIMFETFNVPAMYVAIQAVLSLYASGRTTGIVLDSGDGVT
HNVPIYEGYALPHAIMRLDLAGRDLTDYLMKILTERGYSFVTTAEREIVRDIKEKLCYVALDFENEMATAASSSSLEKSY
ELPDGQVITIGNERFRCPETLFQPSFIGMESAGIHETTYNSIMKCDIDIRKDLYANNVMSGGTTMYPGIADRMQKEITAL
APSTMKIKIIAPPERKYSVWIGGSILASLSTFQQMWITKQEYDEAGPSIVHRKCF
;
B
#
# COMPACT_ATOMS: atom_id res chain seq x y z
N ILE A 8 35.53 -27.44 30.27
CA ILE A 8 34.05 -27.79 30.58
C ILE A 8 32.95 -26.71 30.30
N GLU A 9 33.36 -25.46 30.15
CA GLU A 9 32.56 -24.47 29.43
C GLU A 9 33.18 -24.24 28.00
N ARG A 10 32.33 -24.14 26.99
CA ARG A 10 32.73 -23.77 25.64
C ARG A 10 33.34 -22.33 25.62
N PRO A 11 34.41 -22.06 24.84
CA PRO A 11 34.78 -20.61 24.79
C PRO A 11 33.77 -19.84 23.92
N GLU A 12 33.87 -18.52 23.87
CA GLU A 12 33.06 -17.76 22.92
C GLU A 12 33.50 -17.96 21.46
N ASP A 13 34.70 -18.47 21.25
CA ASP A 13 35.26 -18.52 19.90
C ASP A 13 36.24 -19.69 19.79
N PHE A 14 35.83 -20.72 19.07
CA PHE A 14 36.70 -21.85 18.89
C PHE A 14 37.89 -21.52 18.02
N LEU A 15 38.01 -20.28 17.56
CA LEU A 15 39.00 -19.93 16.52
C LEU A 15 39.32 -21.06 15.46
N LYS A 16 40.58 -21.50 15.39
CA LYS A 16 40.99 -22.55 14.43
C LYS A 16 40.80 -23.97 15.00
N ASP A 17 40.35 -24.09 16.23
CA ASP A 17 40.37 -25.33 16.96
C ASP A 17 39.21 -26.25 16.50
N LYS A 18 39.40 -26.82 15.32
CA LYS A 18 38.36 -27.61 14.68
C LYS A 18 37.96 -28.83 15.51
N GLU A 19 38.90 -29.41 16.23
CA GLU A 19 38.63 -30.67 16.88
C GLU A 19 37.72 -30.44 18.10
N ASN A 20 38.00 -29.38 18.85
CA ASN A 20 37.13 -29.03 19.97
C ASN A 20 35.74 -28.47 19.62
N ALA A 21 35.70 -27.67 18.56
CA ALA A 21 34.46 -27.30 17.90
C ALA A 21 33.54 -28.51 17.66
N ILE A 22 33.94 -29.43 16.78
CA ILE A 22 33.15 -30.66 16.56
C ILE A 22 32.75 -31.33 17.90
N GLN A 23 33.68 -31.43 18.85
CA GLN A 23 33.40 -32.27 19.98
C GLN A 23 32.28 -31.66 20.82
N TRP A 24 32.40 -30.36 21.07
CA TRP A 24 31.41 -29.65 21.82
C TRP A 24 30.10 -29.57 21.06
N GLU A 25 30.19 -29.26 19.77
CA GLU A 25 28.99 -29.20 18.95
C GLU A 25 28.26 -30.52 18.74
N LYS A 26 28.95 -31.66 18.64
CA LYS A 26 28.25 -32.96 18.60
C LYS A 26 27.46 -33.21 19.88
N LYS A 27 28.02 -32.79 21.02
CA LYS A 27 27.35 -32.95 22.32
C LYS A 27 26.10 -32.10 22.34
N GLU A 28 26.26 -30.83 21.93
CA GLU A 28 25.19 -29.83 21.89
C GLU A 28 24.12 -30.30 20.96
N ALA A 29 24.50 -30.77 19.77
CA ALA A 29 23.53 -31.36 18.84
C ALA A 29 22.67 -32.48 19.44
N GLU A 30 23.28 -33.36 20.23
CA GLU A 30 22.51 -34.44 20.83
C GLU A 30 21.58 -33.91 21.93
N ARG A 31 21.92 -32.77 22.54
CA ARG A 31 21.10 -32.20 23.62
C ARG A 31 19.92 -31.46 23.03
N VAL A 32 20.21 -30.43 22.24
CA VAL A 32 19.18 -29.69 21.54
C VAL A 32 18.20 -30.56 20.76
N GLU A 33 18.73 -31.57 20.07
CA GLU A 33 17.90 -32.45 19.24
C GLU A 33 16.80 -33.12 20.07
N LYS A 34 17.04 -33.25 21.37
CA LYS A 34 16.10 -33.91 22.28
C LYS A 34 14.89 -33.03 22.48
N ASN A 35 15.09 -31.71 22.34
CA ASN A 35 14.04 -30.70 22.62
C ASN A 35 13.23 -30.26 21.41
N LEU A 36 13.48 -30.83 20.25
CA LEU A 36 12.66 -30.50 19.07
C LEU A 36 11.35 -31.26 19.13
N ASP A 37 10.22 -30.64 18.84
CA ASP A 37 9.01 -31.44 18.69
C ASP A 37 8.92 -32.10 17.32
N THR A 38 7.80 -32.75 17.07
CA THR A 38 7.66 -33.56 15.87
C THR A 38 7.78 -32.69 14.63
N LEU A 39 7.07 -31.56 14.65
CA LEU A 39 7.01 -30.61 13.54
C LEU A 39 8.41 -30.16 13.13
N GLU A 40 9.20 -29.85 14.16
CA GLU A 40 10.54 -29.36 13.99
C GLU A 40 11.52 -30.39 13.50
N LYS A 41 11.48 -31.61 14.03
CA LYS A 41 12.39 -32.63 13.55
C LYS A 41 12.09 -32.86 12.07
N GLU A 42 10.79 -32.89 11.78
CA GLU A 42 10.37 -33.09 10.39
C GLU A 42 10.88 -31.97 9.50
N ALA A 43 10.80 -30.74 10.01
CA ALA A 43 11.26 -29.60 9.25
C ALA A 43 12.74 -29.78 8.94
N LEU A 44 13.50 -30.16 9.98
CA LEU A 44 14.93 -30.35 9.81
C LEU A 44 15.28 -31.45 8.83
N GLU A 45 14.67 -32.63 8.97
CA GLU A 45 14.89 -33.68 7.97
C GLU A 45 14.59 -33.15 6.59
N LEU A 46 13.61 -32.23 6.51
CA LEU A 46 13.23 -31.65 5.19
C LEU A 46 14.27 -30.70 4.66
N TYR A 47 14.82 -29.89 5.57
CA TYR A 47 15.84 -28.93 5.24
C TYR A 47 17.04 -29.63 4.64
N LYS A 48 17.54 -30.69 5.29
CA LYS A 48 18.77 -31.37 4.82
C LYS A 48 18.66 -31.90 3.42
N LYS A 49 17.45 -32.28 3.04
CA LYS A 49 17.20 -32.72 1.66
C LYS A 49 16.97 -31.58 0.64
N ASP A 50 16.79 -30.36 1.12
CA ASP A 50 16.40 -29.28 0.21
C ASP A 50 16.84 -27.87 0.65
N SER A 51 17.96 -27.79 1.34
CA SER A 51 18.39 -26.52 1.95
C SER A 51 18.44 -25.30 1.01
N GLU A 52 18.82 -25.49 -0.23
CA GLU A 52 18.97 -24.34 -1.07
C GLU A 52 17.60 -23.69 -1.43
N GLN A 53 16.60 -24.52 -1.74
CA GLN A 53 15.28 -23.99 -2.11
C GLN A 53 14.59 -23.37 -0.91
N ILE A 54 14.65 -24.09 0.22
CA ILE A 54 14.11 -23.65 1.50
C ILE A 54 14.75 -22.32 1.97
N SER A 55 16.07 -22.18 1.86
CA SER A 55 16.66 -20.90 2.23
C SER A 55 16.21 -19.78 1.32
N ASN A 56 16.21 -20.02 0.00
CA ASN A 56 15.75 -18.96 -0.91
C ASN A 56 14.34 -18.46 -0.56
N TYR A 57 13.47 -19.39 -0.17
CA TYR A 57 12.16 -18.98 0.21
C TYR A 57 12.25 -18.08 1.44
N SER A 58 12.93 -18.51 2.50
CA SER A 58 13.07 -17.68 3.71
C SER A 58 13.67 -16.28 3.51
N GLN A 59 14.27 -16.00 2.36
CA GLN A 59 14.76 -14.63 2.05
C GLN A 59 13.66 -13.70 1.54
N THR A 60 12.64 -14.26 0.94
CA THR A 60 11.88 -13.55 -0.06
C THR A 60 10.40 -13.59 0.30
N ARG A 61 10.02 -14.51 1.21
CA ARG A 61 8.61 -14.78 1.55
C ARG A 61 7.66 -13.67 1.97
N GLN A 62 8.12 -12.61 2.65
CA GLN A 62 7.22 -11.54 3.17
C GLN A 62 6.69 -10.57 2.11
N TYR A 63 7.18 -10.69 0.88
CA TYR A 63 7.03 -9.61 -0.05
C TYR A 63 5.71 -9.65 -0.83
N PHE A 64 4.98 -10.75 -0.65
CA PHE A 64 3.77 -11.06 -1.40
C PHE A 64 2.54 -10.63 -0.64
N TYR A 65 1.37 -10.90 -1.21
CA TYR A 65 0.13 -10.54 -0.54
C TYR A 65 -0.06 -11.57 0.56
N ASP A 66 -0.71 -11.20 1.68
CA ASP A 66 -0.94 -12.16 2.77
C ASP A 66 -1.53 -13.45 2.27
N TYR A 67 -2.62 -13.35 1.50
CA TYR A 67 -3.24 -14.57 0.96
C TYR A 67 -2.28 -15.47 0.15
N GLN A 68 -1.23 -14.89 -0.44
CA GLN A 68 -0.25 -15.66 -1.21
C GLN A 68 0.76 -16.23 -0.23
N ILE A 69 0.98 -15.53 0.88
CA ILE A 69 1.86 -16.07 1.87
C ILE A 69 1.13 -17.29 2.48
N GLU A 70 -0.05 -17.05 3.08
CA GLU A 70 -0.81 -18.08 3.79
C GLU A 70 -1.01 -19.35 3.00
N SER A 71 -0.98 -19.27 1.69
CA SER A 71 -1.27 -20.46 0.94
C SER A 71 -0.10 -20.97 0.13
N ASN A 72 1.10 -20.41 0.31
CA ASN A 72 2.29 -20.93 -0.36
C ASN A 72 2.64 -22.31 0.19
N PRO A 73 2.85 -23.28 -0.71
CA PRO A 73 3.07 -24.62 -0.15
C PRO A 73 4.34 -24.64 0.72
N ARG A 74 5.39 -23.91 0.33
CA ARG A 74 6.62 -23.76 1.13
C ARG A 74 6.48 -23.12 2.54
N GLU A 75 5.36 -22.48 2.82
CA GLU A 75 5.22 -21.71 4.04
C GLU A 75 5.19 -22.54 5.33
N LYS A 76 4.51 -23.67 5.32
CA LYS A 76 4.47 -24.54 6.50
C LYS A 76 5.90 -24.93 6.95
N GLU A 77 6.75 -25.32 5.99
CA GLU A 77 8.15 -25.64 6.25
C GLU A 77 8.96 -24.46 6.77
N TYR A 78 8.69 -23.27 6.25
CA TYR A 78 9.32 -22.11 6.81
C TYR A 78 8.93 -21.93 8.28
N LYS A 79 7.65 -21.94 8.59
CA LYS A 79 7.29 -21.63 9.98
C LYS A 79 7.93 -22.62 10.97
N ASN A 80 7.93 -23.91 10.58
CA ASN A 80 8.36 -25.02 11.43
C ASN A 80 9.89 -25.05 11.55
N LEU A 81 10.60 -24.78 10.45
CA LEU A 81 12.03 -24.66 10.56
C LEU A 81 12.42 -23.44 11.45
N ARG A 82 11.72 -22.31 11.26
CA ARG A 82 11.89 -21.10 12.04
C ARG A 82 11.83 -21.49 13.50
N ASN A 83 10.75 -22.17 13.88
CA ASN A 83 10.52 -22.57 15.27
C ASN A 83 11.58 -23.49 15.80
N ALA A 84 12.02 -24.46 14.99
CA ALA A 84 13.14 -25.33 15.36
C ALA A 84 14.37 -24.52 15.76
N ILE A 85 14.74 -23.49 14.97
CA ILE A 85 15.99 -22.79 15.22
C ILE A 85 15.87 -22.10 16.58
N SER A 86 14.73 -21.49 16.86
CA SER A 86 14.62 -20.63 18.04
C SER A 86 14.31 -21.39 19.34
N LYS A 87 14.25 -22.72 19.25
CA LYS A 87 14.07 -23.55 20.43
C LYS A 87 15.32 -23.45 21.30
N ASN A 88 16.48 -23.27 20.70
CA ASN A 88 17.68 -23.20 21.50
C ASN A 88 18.38 -21.87 21.31
N LYS A 89 18.54 -21.16 22.42
CA LYS A 89 19.02 -19.81 22.40
C LYS A 89 20.29 -19.73 23.21
N ILE A 90 21.37 -19.35 22.57
CA ILE A 90 22.67 -19.44 23.22
C ILE A 90 22.72 -18.63 24.53
N ASP A 91 23.24 -19.20 25.61
CA ASP A 91 23.44 -18.46 26.88
C ASP A 91 24.62 -17.47 26.88
N LYS A 92 25.60 -17.61 25.97
CA LYS A 92 26.58 -16.50 25.69
C LYS A 92 27.00 -16.36 24.22
N PRO A 93 27.61 -15.21 23.84
CA PRO A 93 27.88 -15.00 22.43
C PRO A 93 28.74 -16.14 21.90
N ILE A 94 28.58 -16.48 20.62
CA ILE A 94 29.44 -17.41 19.92
C ILE A 94 29.87 -16.81 18.56
N ASN A 95 31.09 -17.07 18.12
CA ASN A 95 31.48 -16.63 16.80
C ASN A 95 31.31 -17.78 15.82
N VAL A 96 30.97 -17.39 14.59
CA VAL A 96 30.66 -18.31 13.53
C VAL A 96 31.38 -17.87 12.26
N TYR A 97 31.43 -18.76 11.27
CA TYR A 97 32.33 -18.59 10.18
C TYR A 97 31.58 -19.07 9.00
N TYR A 98 31.62 -18.27 7.94
CA TYR A 98 30.99 -18.65 6.68
C TYR A 98 31.47 -17.80 5.52
N PHE A 99 31.45 -18.44 4.34
CA PHE A 99 31.84 -17.79 3.11
C PHE A 99 30.72 -17.03 2.42
N GLU A 100 31.01 -15.81 2.02
CA GLU A 100 30.10 -15.09 1.17
C GLU A 100 30.72 -14.87 -0.21
N SER A 101 29.87 -14.88 -1.23
CA SER A 101 30.18 -14.18 -2.45
C SER A 101 30.20 -12.68 -2.18
N PRO A 102 31.15 -11.96 -2.78
CA PRO A 102 31.32 -10.51 -2.59
C PRO A 102 30.21 -9.66 -3.17
N GLU A 103 29.45 -10.23 -4.13
CA GLU A 103 28.17 -9.65 -4.61
C GLU A 103 27.25 -9.25 -3.46
N LYS A 104 27.27 -10.09 -2.42
CA LYS A 104 26.41 -9.95 -1.29
C LYS A 104 26.62 -8.61 -0.59
N PHE A 105 27.79 -8.03 -0.73
CA PHE A 105 28.06 -6.76 -0.10
C PHE A 105 28.28 -5.65 -1.11
N ALA A 106 27.81 -5.91 -2.33
CA ALA A 106 27.85 -4.95 -3.47
C ALA A 106 29.27 -4.71 -4.00
N PHE A 107 30.12 -5.71 -3.84
CA PHE A 107 31.36 -5.71 -4.55
C PHE A 107 31.11 -6.58 -5.77
N ASN A 108 30.75 -5.95 -6.88
CA ASN A 108 30.16 -6.70 -7.99
C ASN A 108 31.18 -7.18 -9.01
N LYS A 109 32.33 -7.59 -8.50
CA LYS A 109 33.50 -8.02 -9.29
C LYS A 109 34.34 -8.97 -8.42
N GLU A 110 35.10 -9.86 -9.07
CA GLU A 110 35.95 -10.85 -8.37
C GLU A 110 36.98 -10.12 -7.54
N ILE A 111 37.35 -10.72 -6.41
CA ILE A 111 38.39 -10.18 -5.55
C ILE A 111 39.74 -10.65 -6.11
N ARG A 112 39.81 -11.92 -6.45
CA ARG A 112 40.90 -12.53 -7.22
C ARG A 112 40.21 -13.67 -7.99
N THR A 113 40.87 -14.31 -8.95
CA THR A 113 40.24 -15.50 -9.56
C THR A 113 40.37 -16.76 -8.65
N GLU A 114 39.74 -17.85 -9.09
CA GLU A 114 39.64 -19.07 -8.29
C GLU A 114 40.96 -19.82 -8.36
N ASN A 115 41.90 -19.23 -9.11
CA ASN A 115 43.16 -19.86 -9.47
C ASN A 115 44.36 -19.08 -8.96
N GLN A 116 44.27 -17.75 -8.99
CA GLN A 116 45.23 -16.88 -8.34
C GLN A 116 45.30 -17.22 -6.84
N ASN A 117 46.43 -16.89 -6.23
CA ASN A 117 46.61 -17.14 -4.80
C ASN A 117 46.82 -15.84 -4.04
N GLU A 118 47.03 -14.76 -4.79
CA GLU A 118 47.16 -13.47 -4.15
C GLU A 118 46.01 -12.54 -4.52
N ILE A 119 45.66 -11.71 -3.55
CA ILE A 119 44.66 -10.66 -3.67
C ILE A 119 45.43 -9.35 -3.62
N SER A 120 45.41 -8.60 -4.73
CA SER A 120 46.26 -7.42 -4.91
C SER A 120 46.01 -6.28 -3.90
N LEU A 121 46.94 -5.34 -3.79
CA LEU A 121 46.81 -4.19 -2.87
C LEU A 121 45.60 -3.35 -3.27
N GLU A 122 45.32 -3.32 -4.57
CA GLU A 122 44.24 -2.51 -5.10
C GLU A 122 42.90 -3.11 -4.70
N LYS A 123 42.67 -4.37 -5.07
CA LYS A 123 41.40 -5.03 -4.80
C LYS A 123 41.07 -4.97 -3.30
N PHE A 124 42.00 -5.39 -2.44
CA PHE A 124 41.81 -5.28 -1.00
C PHE A 124 41.25 -3.90 -0.63
N ASN A 125 41.86 -2.87 -1.16
CA ASN A 125 41.56 -1.53 -0.75
C ASN A 125 40.22 -1.09 -1.27
N GLU A 126 39.94 -1.45 -2.51
CA GLU A 126 38.64 -1.21 -3.12
C GLU A 126 37.54 -1.87 -2.30
N LEU A 127 37.76 -3.14 -1.93
CA LEU A 127 36.86 -3.93 -1.09
C LEU A 127 36.58 -3.25 0.24
N LYS A 128 37.62 -2.72 0.87
CA LYS A 128 37.43 -1.99 2.11
C LYS A 128 36.48 -0.76 1.95
N GLU A 129 36.66 0.06 0.91
CA GLU A 129 35.77 1.22 0.67
C GLU A 129 34.31 0.83 0.43
N THR A 130 34.12 -0.29 -0.27
CA THR A 130 32.80 -0.80 -0.57
C THR A 130 32.05 -1.26 0.68
N ILE A 131 32.68 -2.11 1.51
CA ILE A 131 31.92 -2.81 2.56
C ILE A 131 32.07 -2.34 3.97
N GLN A 132 33.06 -1.49 4.22
CA GLN A 132 33.45 -1.23 5.60
C GLN A 132 32.51 -0.36 6.36
N ASP A 133 31.82 0.55 5.69
CA ASP A 133 31.12 1.58 6.46
C ASP A 133 29.60 1.49 6.52
N LYS A 134 29.05 0.27 6.40
CA LYS A 134 27.62 0.09 6.20
C LYS A 134 27.00 -0.99 7.10
N LEU A 135 25.66 -1.02 7.16
CA LEU A 135 24.92 -2.09 7.85
C LEU A 135 24.23 -2.85 6.75
N PHE A 136 24.68 -4.05 6.44
CA PHE A 136 24.00 -4.90 5.45
C PHE A 136 22.94 -5.83 6.05
N LYS A 137 21.74 -5.86 5.44
CA LYS A 137 20.64 -6.67 5.96
C LYS A 137 20.82 -8.12 5.64
N GLN A 138 20.67 -8.98 6.64
CA GLN A 138 20.80 -10.39 6.43
C GLN A 138 19.45 -10.95 6.72
N ASP A 139 19.11 -12.04 6.03
CA ASP A 139 17.78 -12.62 6.06
C ASP A 139 17.89 -14.03 5.55
N GLY A 140 17.14 -14.92 6.18
CA GLY A 140 17.04 -16.28 5.72
C GLY A 140 17.86 -17.29 6.53
N PHE A 141 17.63 -18.55 6.19
CA PHE A 141 18.29 -19.63 6.83
C PHE A 141 19.71 -19.66 6.27
N LYS A 142 20.69 -19.85 7.15
CA LYS A 142 22.10 -19.95 6.73
C LYS A 142 22.80 -21.08 7.47
N ASP A 143 23.62 -21.86 6.75
CA ASP A 143 24.59 -22.74 7.38
C ASP A 143 25.87 -22.00 7.72
N VAL A 144 26.25 -22.11 8.99
CA VAL A 144 27.48 -21.51 9.47
C VAL A 144 28.34 -22.60 10.10
N SER A 145 29.60 -22.27 10.33
CA SER A 145 30.51 -23.19 10.99
C SER A 145 31.00 -22.56 12.31
N LEU A 146 31.44 -23.42 13.22
CA LEU A 146 31.90 -22.95 14.49
C LEU A 146 33.41 -22.79 14.58
N TYR A 147 34.15 -23.06 13.51
CA TYR A 147 35.58 -22.87 13.51
C TYR A 147 36.04 -22.28 12.19
N GLU A 148 37.16 -21.60 12.21
CA GLU A 148 37.74 -21.05 10.99
C GLU A 148 38.18 -22.26 10.21
N PRO A 149 37.83 -22.33 8.91
CA PRO A 149 38.25 -23.48 8.12
C PRO A 149 39.78 -23.51 7.88
N GLY A 150 40.30 -24.71 7.68
CA GLY A 150 41.71 -24.87 7.42
C GLY A 150 41.88 -25.86 6.29
N ASN A 151 43.03 -26.53 6.29
CA ASN A 151 43.31 -27.60 5.36
C ASN A 151 42.16 -28.59 5.25
N GLY A 152 41.60 -28.70 4.03
CA GLY A 152 40.61 -29.73 3.71
C GLY A 152 39.13 -29.46 4.00
N ASP A 153 38.80 -28.24 4.41
CA ASP A 153 37.39 -27.81 4.53
C ASP A 153 37.05 -27.06 3.23
N GLU A 154 35.80 -27.11 2.77
CA GLU A 154 35.40 -26.33 1.58
C GLU A 154 35.75 -24.84 1.73
N LYS A 155 36.22 -24.22 0.65
CA LYS A 155 36.57 -22.82 0.71
C LYS A 155 36.11 -22.12 -0.57
N PRO A 156 34.77 -22.00 -0.75
CA PRO A 156 34.18 -21.63 -2.03
C PRO A 156 34.39 -20.18 -2.44
N THR A 157 34.86 -19.29 -1.57
CA THR A 157 35.07 -17.91 -2.03
C THR A 157 36.30 -17.31 -1.43
N PRO A 158 36.79 -16.21 -1.98
CA PRO A 158 37.84 -15.48 -1.29
C PRO A 158 37.37 -14.72 -0.04
N LEU A 159 36.10 -14.87 0.36
CA LEU A 159 35.54 -14.02 1.43
C LEU A 159 34.95 -14.84 2.57
N LEU A 160 35.58 -14.68 3.73
CA LEU A 160 35.21 -15.42 4.91
C LEU A 160 34.58 -14.42 5.88
N ILE A 161 33.42 -14.78 6.43
CA ILE A 161 32.74 -13.96 7.41
C ILE A 161 33.00 -14.53 8.82
N HIS A 162 33.47 -13.68 9.74
CA HIS A 162 33.65 -14.06 11.13
C HIS A 162 32.71 -13.21 11.93
N LEU A 163 31.58 -13.79 12.36
CA LEU A 163 30.44 -13.02 12.91
C LEU A 163 30.18 -13.36 14.33
N LYS A 164 30.12 -12.35 15.19
CA LYS A 164 29.77 -12.56 16.58
C LYS A 164 28.20 -12.58 16.77
N LEU A 165 27.63 -13.77 17.01
CA LEU A 165 26.20 -13.88 17.35
C LEU A 165 25.99 -13.55 18.81
N PRO A 166 25.11 -12.57 19.10
CA PRO A 166 24.97 -12.14 20.50
C PRO A 166 24.33 -13.19 21.38
N LYS A 167 24.45 -13.01 22.69
CA LYS A 167 23.71 -13.83 23.62
C LYS A 167 22.27 -13.94 23.16
N ASN A 168 21.73 -15.13 23.26
CA ASN A 168 20.31 -15.35 23.04
C ASN A 168 19.92 -15.50 21.57
N THR A 169 20.91 -15.43 20.66
CA THR A 169 20.72 -15.81 19.25
C THR A 169 20.28 -17.27 19.19
N GLY A 170 19.30 -17.53 18.33
CA GLY A 170 18.85 -18.91 18.07
C GLY A 170 19.78 -19.62 17.13
N MET A 171 20.18 -20.84 17.49
CA MET A 171 21.21 -21.58 16.80
C MET A 171 20.91 -23.05 16.96
N LEU A 172 20.67 -23.75 15.87
CA LEU A 172 20.40 -25.18 15.93
C LEU A 172 21.61 -26.00 15.48
N PRO A 173 22.28 -26.64 16.42
CA PRO A 173 23.35 -27.60 16.04
C PRO A 173 22.70 -28.92 15.72
N TYR A 174 23.12 -29.61 14.67
CA TYR A 174 22.49 -30.89 14.36
C TYR A 174 23.45 -31.85 13.60
N ILE A 175 23.28 -33.15 13.84
CA ILE A 175 24.04 -34.17 13.12
C ILE A 175 23.39 -34.36 11.74
N ASN A 176 24.14 -34.17 10.67
CA ASN A 176 23.74 -34.61 9.34
C ASN A 176 24.50 -35.87 9.01
N SER A 177 23.95 -37.00 9.47
CA SER A 177 24.54 -38.32 9.33
C SER A 177 25.97 -38.36 9.90
N ASN A 178 26.94 -37.90 9.13
CA ASN A 178 28.31 -37.97 9.58
C ASN A 178 28.89 -36.72 10.27
N ASP A 179 28.50 -35.54 9.77
CA ASP A 179 29.02 -34.23 10.24
C ASP A 179 28.17 -33.58 11.33
N VAL A 180 28.77 -32.59 12.00
CA VAL A 180 27.99 -31.62 12.79
C VAL A 180 27.79 -30.33 11.98
N LYS A 181 26.55 -29.90 11.86
CA LYS A 181 26.23 -28.69 11.10
C LYS A 181 25.56 -27.69 12.03
N THR A 182 25.52 -26.42 11.63
CA THR A 182 24.96 -25.32 12.45
C THR A 182 24.01 -24.38 11.67
N LEU A 183 22.77 -24.31 12.11
CA LEU A 183 21.75 -23.62 11.34
C LEU A 183 21.29 -22.41 12.10
N ILE A 184 21.29 -21.24 11.45
CA ILE A 184 20.69 -20.01 12.01
C ILE A 184 19.64 -19.40 11.06
N GLU A 185 18.79 -18.54 11.61
CA GLU A 185 17.95 -17.65 10.77
C GLU A 185 18.41 -16.23 10.97
N GLN A 186 18.88 -15.60 9.89
CA GLN A 186 19.44 -14.29 10.02
C GLN A 186 18.24 -13.36 10.04
N ASP A 187 18.23 -12.45 10.99
CA ASP A 187 17.08 -11.61 11.21
C ASP A 187 17.55 -10.25 11.68
N TYR A 188 18.53 -9.69 10.98
CA TYR A 188 19.23 -8.54 11.55
C TYR A 188 20.11 -7.80 10.52
N SER A 189 20.95 -6.90 10.99
CA SER A 189 21.92 -6.36 10.07
C SER A 189 23.34 -6.54 10.59
N ILE A 190 24.29 -6.45 9.67
CA ILE A 190 25.69 -6.77 9.90
C ILE A 190 26.50 -5.49 9.74
N LYS A 191 27.52 -5.26 10.55
CA LYS A 191 28.48 -4.21 10.25
C LYS A 191 29.82 -4.90 10.13
N ILE A 192 30.63 -4.47 9.17
CA ILE A 192 31.98 -4.99 9.05
C ILE A 192 33.01 -3.99 9.56
N ASP A 193 33.50 -4.27 10.77
CA ASP A 193 34.39 -3.38 11.51
C ASP A 193 35.80 -3.35 10.93
N LYS A 194 36.29 -4.51 10.44
CA LYS A 194 37.62 -4.63 9.85
C LYS A 194 37.64 -5.68 8.78
N ILE A 195 38.55 -5.57 7.83
CA ILE A 195 38.89 -6.70 7.00
C ILE A 195 40.42 -6.93 6.98
N VAL A 196 40.86 -8.15 7.29
CA VAL A 196 42.27 -8.52 7.17
C VAL A 196 42.40 -9.57 6.06
N ARG A 197 43.59 -9.64 5.47
CA ARG A 197 43.98 -10.80 4.65
C ARG A 197 44.43 -11.95 5.56
N ILE A 198 44.40 -13.16 5.03
CA ILE A 198 44.65 -14.34 5.82
C ILE A 198 45.04 -15.42 4.82
N VAL A 199 45.80 -16.40 5.26
CA VAL A 199 46.22 -17.44 4.34
C VAL A 199 45.74 -18.78 4.89
N ILE A 200 45.30 -19.64 3.98
CA ILE A 200 44.86 -21.00 4.27
C ILE A 200 45.23 -21.81 3.04
N GLU A 201 45.88 -22.95 3.26
CA GLU A 201 46.32 -23.83 2.19
C GLU A 201 46.88 -23.06 0.98
N GLY A 202 47.88 -22.19 1.24
CA GLY A 202 48.57 -21.50 0.15
C GLY A 202 47.92 -20.27 -0.53
N LYS A 203 46.61 -20.10 -0.34
CA LYS A 203 45.90 -18.97 -0.98
C LYS A 203 45.48 -17.90 0.02
N GLN A 204 45.36 -16.67 -0.48
CA GLN A 204 44.84 -15.54 0.31
C GLN A 204 43.30 -15.48 0.33
N TYR A 205 42.76 -15.05 1.46
CA TYR A 205 41.33 -14.94 1.65
C TYR A 205 41.11 -13.63 2.36
N ILE A 206 39.91 -13.10 2.32
CA ILE A 206 39.60 -11.97 3.17
C ILE A 206 38.74 -12.49 4.31
N LYS A 207 39.15 -12.17 5.54
CA LYS A 207 38.34 -12.45 6.70
C LYS A 207 37.77 -11.11 7.12
N ALA A 208 36.45 -11.04 7.21
CA ALA A 208 35.83 -9.82 7.67
C ALA A 208 35.28 -9.94 9.09
N GLU A 209 35.74 -9.12 10.00
CA GLU A 209 35.17 -9.12 11.36
C GLU A 209 33.81 -8.45 11.29
N ALA A 210 32.75 -9.20 11.58
CA ALA A 210 31.38 -8.62 11.53
C ALA A 210 30.63 -8.72 12.88
N SER A 211 29.80 -7.73 13.16
CA SER A 211 28.95 -7.73 14.34
C SER A 211 27.50 -7.39 13.97
N ILE A 212 26.56 -7.95 14.74
CA ILE A 212 25.10 -7.80 14.55
C ILE A 212 24.61 -6.44 15.07
N VAL A 213 23.87 -5.71 14.24
CA VAL A 213 23.10 -4.58 14.73
C VAL A 213 21.64 -4.98 14.63
N ASN A 214 20.94 -4.89 15.75
CA ASN A 214 19.55 -5.38 15.83
C ASN A 214 18.48 -4.34 15.52
N SER A 215 17.42 -4.81 14.93
CA SER A 215 16.38 -3.94 14.46
C SER A 215 15.04 -4.68 14.57
N LEU A 216 14.00 -4.00 15.06
CA LEU A 216 12.63 -4.54 15.00
C LEU A 216 12.20 -4.63 13.55
N ASP A 217 11.77 -5.82 13.12
CA ASP A 217 11.33 -6.01 11.75
C ASP A 217 10.16 -6.94 11.81
N PHE A 218 8.96 -6.45 11.55
CA PHE A 218 7.75 -7.27 11.66
C PHE A 218 7.44 -7.99 10.40
N LYS A 219 8.15 -7.63 9.32
CA LYS A 219 7.96 -8.29 8.02
C LYS A 219 6.49 -8.40 7.63
N ASP A 220 5.95 -9.60 7.44
CA ASP A 220 4.48 -9.70 7.17
C ASP A 220 3.57 -9.65 8.44
N ASP A 221 4.12 -9.66 9.65
CA ASP A 221 3.27 -9.66 10.83
C ASP A 221 2.77 -8.25 11.13
N VAL A 222 1.83 -7.80 10.31
CA VAL A 222 1.21 -6.47 10.48
C VAL A 222 0.47 -6.29 11.81
N SER A 223 -0.06 -7.35 12.39
CA SER A 223 -0.71 -7.30 13.71
C SER A 223 0.26 -7.02 14.82
N LYS A 224 1.36 -7.78 14.87
CA LYS A 224 2.38 -7.56 15.91
C LYS A 224 2.94 -6.16 15.74
N GLY A 225 3.26 -5.81 14.50
CA GLY A 225 3.66 -4.47 14.13
C GLY A 225 2.72 -3.38 14.59
N ASP A 226 1.40 -3.64 14.57
CA ASP A 226 0.39 -2.64 14.95
C ASP A 226 0.40 -2.46 16.48
N LEU A 227 0.44 -3.56 17.19
CA LEU A 227 0.52 -3.52 18.63
C LEU A 227 1.64 -2.57 19.07
N TRP A 228 2.84 -2.84 18.56
CA TRP A 228 4.02 -2.01 18.84
C TRP A 228 3.79 -0.57 18.48
N GLY A 229 3.19 -0.31 17.33
CA GLY A 229 2.91 1.06 16.89
C GLY A 229 1.93 1.79 17.81
N LYS A 230 0.83 1.12 18.13
CA LYS A 230 -0.14 1.74 19.02
C LYS A 230 0.35 1.81 20.47
N GLU A 231 1.15 0.84 20.89
CA GLU A 231 1.70 0.85 22.23
C GLU A 231 2.62 2.05 22.42
N ASN A 232 3.27 2.46 21.33
CA ASN A 232 4.24 3.54 21.37
C ASN A 232 3.72 4.85 20.84
N TYR A 233 2.57 4.86 20.17
CA TYR A 233 2.15 6.11 19.49
C TYR A 233 0.76 6.62 19.69
N SER A 234 -0.05 5.98 20.50
CA SER A 234 -1.43 6.49 20.64
C SER A 234 -1.55 7.74 21.56
N ASP A 235 -0.50 8.01 22.32
CA ASP A 235 -0.46 9.25 23.09
C ASP A 235 0.28 10.36 22.32
N TRP A 236 0.62 10.10 21.05
CA TRP A 236 1.44 11.04 20.28
C TRP A 236 0.62 12.19 19.79
N SER A 237 -0.61 11.88 19.37
CA SER A 237 -1.59 12.87 18.95
C SER A 237 -1.85 13.97 20.01
N ASN A 238 -1.95 13.58 21.28
CA ASN A 238 -2.16 14.48 22.40
C ASN A 238 -0.96 15.31 22.77
N LYS A 239 0.18 15.04 22.15
CA LYS A 239 1.43 15.74 22.46
C LYS A 239 1.64 16.93 21.54
N LEU A 240 0.81 17.07 20.52
CA LEU A 240 0.99 18.14 19.55
C LEU A 240 0.42 19.46 20.07
N THR A 241 0.84 20.57 19.46
CA THR A 241 0.14 21.81 19.74
C THR A 241 -1.12 21.80 18.87
N PRO A 242 -2.18 22.55 19.27
CA PRO A 242 -3.28 22.82 18.37
C PRO A 242 -2.85 22.97 16.90
N ASN A 243 -1.85 23.80 16.62
CA ASN A 243 -1.41 24.03 15.24
C ASN A 243 -0.89 22.77 14.56
N GLU A 244 -0.05 22.04 15.30
CA GLU A 244 0.58 20.82 14.79
C GLU A 244 -0.44 19.74 14.50
N LEU A 245 -1.36 19.49 15.43
CA LEU A 245 -2.48 18.56 15.20
C LEU A 245 -3.16 18.86 13.87
N ALA A 246 -3.57 20.11 13.66
CA ALA A 246 -4.33 20.51 12.46
C ALA A 246 -3.53 20.35 11.17
N ASP A 247 -2.24 20.65 11.23
CA ASP A 247 -1.40 20.58 10.03
C ASP A 247 -1.06 19.14 9.64
N VAL A 248 -0.98 18.25 10.64
CA VAL A 248 -0.82 16.81 10.42
C VAL A 248 -2.14 16.16 9.99
N ASN A 249 -3.24 16.51 10.67
CA ASN A 249 -4.53 16.06 10.18
C ASN A 249 -4.72 16.47 8.69
N ASP A 250 -4.26 17.68 8.34
CA ASP A 250 -4.36 18.11 6.97
C ASP A 250 -3.55 17.24 5.99
N TYR A 251 -2.29 16.96 6.35
CA TYR A 251 -1.40 16.12 5.56
C TYR A 251 -2.11 14.79 5.31
N MET A 252 -2.54 14.19 6.42
CA MET A 252 -3.08 12.84 6.46
C MET A 252 -4.38 12.70 5.65
N ARG A 253 -5.26 13.69 5.80
CA ARG A 253 -6.57 13.60 5.22
C ARG A 253 -6.57 13.94 3.75
N GLY A 254 -5.40 14.25 3.17
CA GLY A 254 -5.32 14.65 1.77
C GLY A 254 -4.34 15.75 1.33
N GLY A 255 -3.74 16.46 2.30
CA GLY A 255 -2.84 17.58 1.98
C GLY A 255 -1.46 17.16 1.46
N TYR A 256 -1.17 15.85 1.55
CA TYR A 256 0.15 15.33 1.23
C TYR A 256 0.63 15.62 -0.19
N THR A 257 -0.31 15.67 -1.13
CA THR A 257 0.06 15.82 -2.53
C THR A 257 0.57 17.23 -2.81
N ALA A 258 0.03 18.20 -2.09
CA ALA A 258 0.38 19.58 -2.36
C ALA A 258 1.67 19.94 -1.63
N ILE A 259 1.78 19.50 -0.38
CA ILE A 259 3.02 19.60 0.39
C ILE A 259 4.17 18.83 -0.27
N ASN A 260 4.00 17.56 -0.56
CA ASN A 260 5.08 16.81 -1.23
C ASN A 260 5.41 17.34 -2.63
N ASN A 261 4.39 17.76 -3.39
CA ASN A 261 4.66 18.32 -4.73
C ASN A 261 5.48 19.60 -4.67
N TYR A 262 5.26 20.35 -3.60
CA TYR A 262 5.89 21.61 -3.41
C TYR A 262 7.35 21.38 -3.03
N LEU A 263 7.59 20.36 -2.21
CA LEU A 263 8.94 19.96 -1.80
C LEU A 263 9.74 19.37 -2.96
N ILE A 264 9.10 18.52 -3.77
CA ILE A 264 9.77 17.80 -4.86
C ILE A 264 10.32 18.71 -5.93
N SER A 265 9.68 19.87 -6.13
CA SER A 265 10.21 20.92 -7.05
C SER A 265 11.11 21.93 -6.30
N ASN A 266 11.26 21.72 -5.00
CA ASN A 266 12.01 22.60 -4.13
C ASN A 266 11.49 24.02 -4.26
N GLY A 267 10.16 24.10 -4.22
CA GLY A 267 9.45 25.30 -3.92
C GLY A 267 9.99 26.13 -2.76
N PRO A 268 10.33 25.50 -1.60
CA PRO A 268 10.78 26.40 -0.51
C PRO A 268 11.83 27.43 -0.91
N LEU A 269 12.65 27.11 -1.91
CA LEU A 269 13.68 28.01 -2.41
C LEU A 269 13.28 28.57 -3.77
N ASN A 270 12.84 27.71 -4.68
CA ASN A 270 12.53 28.13 -6.06
C ASN A 270 11.31 29.04 -6.24
N ASN A 271 10.35 28.99 -5.31
CA ASN A 271 9.11 29.76 -5.39
C ASN A 271 8.36 29.67 -4.06
N PRO A 272 8.87 30.37 -3.03
CA PRO A 272 8.41 30.15 -1.64
C PRO A 272 6.91 30.36 -1.42
N ASN A 273 6.26 29.40 -0.75
CA ASN A 273 4.85 29.48 -0.37
C ASN A 273 4.72 29.43 1.14
N PRO A 274 4.50 30.57 1.79
CA PRO A 274 4.55 30.67 3.27
C PRO A 274 3.49 29.87 4.05
N GLU A 275 2.33 29.59 3.46
CA GLU A 275 1.33 28.73 4.14
C GLU A 275 1.85 27.29 4.25
N LEU A 276 2.43 26.83 3.13
CA LEU A 276 2.96 25.49 2.95
C LEU A 276 4.17 25.26 3.85
N ASP A 277 5.17 26.13 3.72
CA ASP A 277 6.33 26.20 4.62
C ASP A 277 6.04 26.05 6.11
N SER A 278 4.95 26.67 6.54
CA SER A 278 4.53 26.61 7.94
C SER A 278 3.94 25.23 8.25
N LYS A 279 3.18 24.73 7.29
CA LYS A 279 2.64 23.40 7.37
C LYS A 279 3.85 22.39 7.43
N VAL A 280 4.87 22.54 6.56
CA VAL A 280 5.98 21.58 6.63
C VAL A 280 6.78 21.71 7.92
N ASN A 281 6.97 22.93 8.35
CA ASN A 281 7.56 23.21 9.64
C ASN A 281 6.84 22.51 10.82
N ASN A 282 5.50 22.54 10.85
CA ASN A 282 4.74 21.93 11.96
C ASN A 282 4.77 20.39 11.97
N ILE A 283 4.48 19.80 10.82
CA ILE A 283 4.58 18.37 10.62
C ILE A 283 5.96 17.87 11.09
N GLU A 284 7.02 18.51 10.55
CA GLU A 284 8.39 18.22 10.96
C GLU A 284 8.53 18.32 12.47
N ASN A 285 8.21 19.46 13.06
CA ASN A 285 8.34 19.54 14.51
C ASN A 285 7.57 18.45 15.25
N ALA A 286 6.37 18.18 14.76
CA ALA A 286 5.53 17.12 15.29
C ALA A 286 6.21 15.73 15.21
N LEU A 287 7.00 15.52 14.15
CA LEU A 287 7.69 14.23 13.96
C LEU A 287 8.85 14.01 14.93
N LYS A 288 9.10 15.00 15.79
CA LYS A 288 10.14 14.90 16.84
C LYS A 288 9.57 14.70 18.25
N LEU A 289 8.26 14.77 18.40
CA LEU A 289 7.63 14.56 19.70
C LEU A 289 7.72 13.15 20.28
N THR A 290 7.64 12.12 19.44
CA THR A 290 8.00 10.77 19.89
C THR A 290 8.98 10.17 18.88
N PRO A 291 10.28 10.38 19.12
CA PRO A 291 11.24 9.81 18.19
C PRO A 291 11.13 8.28 18.17
N ILE A 292 11.52 7.68 17.05
CA ILE A 292 11.37 6.26 16.85
C ILE A 292 12.09 5.54 18.01
N PRO A 293 11.34 4.88 18.89
CA PRO A 293 11.90 4.51 20.20
C PRO A 293 12.87 3.34 20.15
N SER A 294 13.07 2.78 18.96
CA SER A 294 13.85 1.58 18.82
C SER A 294 14.30 1.46 17.35
N ASN A 295 15.39 0.75 17.09
CA ASN A 295 15.82 0.54 15.71
C ASN A 295 14.69 -0.25 15.01
N LEU A 296 14.33 0.21 13.82
CA LEU A 296 13.12 -0.27 13.19
C LEU A 296 13.28 -0.37 11.66
N ILE A 297 12.91 -1.52 11.10
CA ILE A 297 12.89 -1.69 9.65
C ILE A 297 11.51 -1.30 9.17
N VAL A 298 11.44 -0.43 8.17
CA VAL A 298 10.17 -0.11 7.49
C VAL A 298 10.24 -0.39 5.98
N TYR A 299 9.10 -0.46 5.32
CA TYR A 299 9.04 -0.81 3.88
C TYR A 299 8.29 0.22 3.04
N ARG A 300 8.92 0.72 1.98
CA ARG A 300 8.20 1.59 1.10
C ARG A 300 8.28 1.04 -0.27
N ARG A 301 7.12 0.96 -0.89
CA ARG A 301 7.04 0.51 -2.25
C ARG A 301 7.12 1.79 -3.07
N SER A 302 8.00 1.83 -4.07
CA SER A 302 8.34 3.11 -4.68
C SER A 302 7.87 3.21 -6.11
N GLY A 303 7.53 4.42 -6.56
CA GLY A 303 7.28 4.68 -7.98
C GLY A 303 8.61 4.87 -8.72
N PRO A 304 8.61 4.74 -10.05
CA PRO A 304 9.85 5.07 -10.76
C PRO A 304 10.30 6.53 -10.54
N GLN A 305 9.35 7.47 -10.50
CA GLN A 305 9.63 8.92 -10.40
C GLN A 305 10.60 9.21 -9.24
N GLU A 306 10.48 8.42 -8.17
CA GLU A 306 11.36 8.46 -6.99
C GLU A 306 12.84 8.15 -7.31
N PHE A 307 13.11 7.52 -8.46
CA PHE A 307 14.48 7.21 -8.92
C PHE A 307 14.82 7.79 -10.29
N GLY A 308 14.28 8.97 -10.58
CA GLY A 308 14.45 9.61 -11.90
C GLY A 308 14.13 8.69 -13.10
N LEU A 309 12.96 8.07 -13.07
CA LEU A 309 12.55 7.15 -14.10
C LEU A 309 11.05 7.31 -14.29
N THR A 310 10.51 6.70 -15.33
CA THR A 310 9.06 6.69 -15.57
C THR A 310 8.63 5.25 -15.82
N LEU A 311 7.36 4.97 -15.60
CA LEU A 311 6.78 3.69 -15.93
C LEU A 311 7.17 3.21 -17.34
N THR A 312 7.65 4.13 -18.14
CA THR A 312 7.75 3.94 -19.56
C THR A 312 9.24 3.81 -20.04
N SER A 313 10.15 4.21 -19.14
CA SER A 313 11.58 4.15 -19.36
C SER A 313 12.00 2.73 -19.67
N PRO A 314 12.78 2.51 -20.76
CA PRO A 314 13.16 1.09 -20.93
C PRO A 314 14.14 0.59 -19.83
N GLU A 315 14.76 1.53 -19.11
CA GLU A 315 15.67 1.18 -18.02
C GLU A 315 14.93 0.58 -16.81
N TYR A 316 13.60 0.49 -16.90
CA TYR A 316 12.79 0.15 -15.75
C TYR A 316 12.28 -1.26 -15.89
N ASP A 317 12.58 -1.88 -17.03
CA ASP A 317 12.20 -3.26 -17.20
C ASP A 317 13.25 -4.10 -16.50
N PHE A 318 12.97 -4.52 -15.28
CA PHE A 318 13.97 -5.30 -14.53
C PHE A 318 13.99 -6.78 -14.91
N ASN A 319 13.15 -7.16 -15.88
CA ASN A 319 13.22 -8.52 -16.41
C ASN A 319 14.52 -8.78 -17.19
N LYS A 320 15.23 -7.71 -17.52
CA LYS A 320 16.50 -7.75 -18.22
C LYS A 320 17.66 -7.40 -17.28
N ILE A 321 18.55 -8.38 -17.02
CA ILE A 321 19.75 -8.16 -16.19
C ILE A 321 20.44 -6.80 -16.40
N GLU A 322 20.66 -6.41 -17.65
CA GLU A 322 21.29 -5.14 -17.98
C GLU A 322 20.78 -4.03 -17.07
N ASN A 323 19.44 -3.96 -16.97
CA ASN A 323 18.76 -2.88 -16.27
C ASN A 323 18.95 -2.91 -14.74
N ILE A 324 18.95 -4.12 -14.17
CA ILE A 324 19.36 -4.30 -12.78
C ILE A 324 20.79 -3.82 -12.62
N ASP A 325 21.67 -4.39 -13.44
CA ASP A 325 23.08 -3.97 -13.51
C ASP A 325 23.27 -2.46 -13.68
N ALA A 326 22.42 -1.83 -14.48
CA ALA A 326 22.47 -0.37 -14.61
C ALA A 326 21.86 0.40 -13.43
N PHE A 327 20.78 -0.15 -12.86
CA PHE A 327 20.19 0.45 -11.66
C PHE A 327 21.19 0.37 -10.51
N LYS A 328 21.87 -0.79 -10.41
CA LYS A 328 22.91 -1.05 -9.41
C LYS A 328 24.05 -0.01 -9.47
N GLU A 329 24.61 0.15 -10.66
CA GLU A 329 25.60 1.22 -10.97
C GLU A 329 25.16 2.60 -10.47
N LYS A 330 24.01 3.06 -10.94
CA LYS A 330 23.43 4.33 -10.53
C LYS A 330 23.27 4.44 -9.01
N TRP A 331 22.82 3.36 -8.33
CA TRP A 331 22.37 3.49 -6.92
C TRP A 331 23.15 2.82 -5.74
N GLU A 332 23.60 1.57 -5.93
CA GLU A 332 24.37 0.85 -4.91
C GLU A 332 25.56 1.64 -4.40
N GLY A 333 25.58 1.88 -3.11
CA GLY A 333 26.65 2.67 -2.50
C GLY A 333 26.25 4.13 -2.44
N LYS A 334 25.34 4.55 -3.32
CA LYS A 334 24.89 5.94 -3.33
C LYS A 334 23.96 6.31 -2.18
N VAL A 335 23.70 7.61 -1.99
CA VAL A 335 22.63 8.03 -1.08
C VAL A 335 21.57 8.95 -1.72
N ILE A 336 20.32 8.46 -1.81
CA ILE A 336 19.15 9.25 -2.30
C ILE A 336 18.54 10.14 -1.23
N THR A 337 18.29 11.41 -1.55
CA THR A 337 17.62 12.32 -0.57
C THR A 337 16.20 12.47 -0.99
N TYR A 338 15.30 12.47 -0.02
CA TYR A 338 13.89 12.61 -0.26
C TYR A 338 13.50 14.02 0.13
N PRO A 339 13.07 14.81 -0.86
CA PRO A 339 12.69 16.18 -0.45
C PRO A 339 11.33 16.18 0.29
N ASN A 340 10.44 15.27 -0.10
CA ASN A 340 9.09 15.22 0.47
C ASN A 340 9.08 14.45 1.78
N PHE A 341 7.97 14.53 2.51
CA PHE A 341 7.74 13.57 3.55
C PHE A 341 7.62 12.16 2.93
N ILE A 342 8.27 11.18 3.55
CA ILE A 342 8.25 9.82 3.02
C ILE A 342 7.34 8.97 3.85
N SER A 343 6.27 8.46 3.26
CA SER A 343 5.45 7.54 4.04
C SER A 343 5.77 6.04 3.78
N THR A 344 5.78 5.27 4.86
CA THR A 344 6.35 3.90 4.86
C THR A 344 5.42 3.01 5.68
N SER A 345 5.67 1.70 5.68
CA SER A 345 4.83 0.82 6.47
C SER A 345 5.72 -0.14 7.21
N ILE A 346 5.25 -0.61 8.37
CA ILE A 346 6.01 -1.63 9.10
C ILE A 346 5.73 -2.99 8.53
N GLY A 347 4.72 -3.08 7.68
CA GLY A 347 4.44 -4.31 6.96
C GLY A 347 5.24 -4.41 5.68
N SER A 348 5.57 -5.62 5.25
CA SER A 348 6.40 -5.78 4.06
C SER A 348 5.52 -6.28 2.92
N VAL A 349 4.25 -6.55 3.21
CA VAL A 349 3.39 -7.24 2.27
C VAL A 349 3.08 -6.42 1.03
N ASN A 350 2.64 -7.11 -0.02
CA ASN A 350 2.11 -6.40 -1.16
C ASN A 350 0.67 -5.99 -0.86
N MET A 351 0.23 -4.85 -1.41
CA MET A 351 -1.14 -4.31 -1.19
C MET A 351 -1.73 -3.75 -2.47
N SER A 352 -3.04 -3.84 -2.62
CA SER A 352 -3.71 -3.38 -3.84
C SER A 352 -3.19 -2.02 -4.26
N ALA A 353 -3.15 -1.06 -3.33
CA ALA A 353 -2.82 0.30 -3.71
C ALA A 353 -1.48 0.41 -4.47
N PHE A 354 -0.58 -0.57 -4.30
CA PHE A 354 0.67 -0.51 -5.02
C PHE A 354 1.12 -1.80 -5.62
N ALA A 355 0.19 -2.68 -5.92
CA ALA A 355 0.47 -4.03 -6.44
C ALA A 355 1.57 -4.07 -7.50
N LYS A 356 1.61 -3.08 -8.36
CA LYS A 356 2.48 -3.15 -9.52
C LYS A 356 3.86 -2.50 -9.29
N ARG A 357 4.03 -1.78 -8.20
CA ARG A 357 5.26 -1.06 -7.99
C ARG A 357 6.42 -2.05 -7.92
N LYS A 358 7.57 -1.66 -8.48
CA LYS A 358 8.63 -2.66 -8.70
C LYS A 358 9.87 -2.47 -7.89
N ILE A 359 9.91 -1.41 -7.08
CA ILE A 359 11.07 -1.11 -6.26
C ILE A 359 10.58 -0.97 -4.83
N ILE A 360 11.13 -1.83 -3.96
CA ILE A 360 10.83 -1.83 -2.53
C ILE A 360 12.04 -1.32 -1.81
N LEU A 361 11.86 -0.16 -1.18
CA LEU A 361 12.87 0.49 -0.36
C LEU A 361 12.67 0.01 1.07
N ARG A 362 13.51 -0.93 1.50
CA ARG A 362 13.47 -1.50 2.84
C ARG A 362 14.42 -0.72 3.73
N ILE A 363 13.90 0.06 4.66
CA ILE A 363 14.71 1.05 5.37
C ILE A 363 14.97 0.71 6.83
N ASN A 364 16.22 0.89 7.23
CA ASN A 364 16.63 0.68 8.62
C ASN A 364 16.69 2.03 9.32
N ILE A 365 15.84 2.22 10.32
CA ILE A 365 15.75 3.52 11.00
C ILE A 365 16.46 3.44 12.34
N PRO A 366 17.49 4.24 12.53
CA PRO A 366 18.15 4.22 13.82
C PRO A 366 17.21 4.71 14.91
N LYS A 367 17.16 4.02 16.05
CA LYS A 367 16.57 4.57 17.26
C LYS A 367 16.91 6.06 17.40
N ASP A 368 15.89 6.83 17.81
CA ASP A 368 15.93 8.31 18.04
C ASP A 368 15.78 9.20 16.80
N SER A 369 15.54 8.58 15.66
CA SER A 369 15.28 9.32 14.45
C SER A 369 13.89 9.98 14.54
N PRO A 370 13.71 11.12 13.86
CA PRO A 370 12.35 11.63 13.81
C PRO A 370 11.49 10.63 13.04
N GLY A 371 10.22 10.51 13.42
CA GLY A 371 9.27 9.63 12.75
C GLY A 371 8.02 9.45 13.56
N ALA A 372 6.90 9.07 12.92
CA ALA A 372 5.74 8.66 13.72
C ALA A 372 4.91 7.54 13.10
N TYR A 373 4.25 6.79 13.98
CA TYR A 373 3.30 5.79 13.57
C TYR A 373 1.91 6.44 13.43
N LEU A 374 1.82 7.31 12.43
CA LEU A 374 0.56 7.91 12.02
C LEU A 374 -0.62 6.98 12.15
N SER A 375 -0.42 5.69 11.89
CA SER A 375 -1.59 4.78 11.97
C SER A 375 -2.15 4.60 13.38
N ALA A 376 -1.51 5.20 14.39
CA ALA A 376 -2.04 5.27 15.76
C ALA A 376 -3.30 6.06 15.76
N ILE A 377 -3.39 7.06 14.89
CA ILE A 377 -4.60 7.85 14.73
C ILE A 377 -5.64 7.08 13.87
N PRO A 378 -6.79 6.70 14.47
CA PRO A 378 -7.81 5.91 13.74
C PRO A 378 -8.29 6.54 12.44
N GLY A 379 -8.75 5.70 11.52
CA GLY A 379 -9.25 6.17 10.21
C GLY A 379 -8.26 6.55 9.11
N TYR A 380 -6.97 6.42 9.36
CA TYR A 380 -6.00 6.94 8.41
C TYR A 380 -5.92 5.97 7.27
N ALA A 381 -5.91 6.48 6.04
CA ALA A 381 -5.94 5.59 4.88
C ALA A 381 -4.61 4.81 4.64
N GLY A 382 -3.50 5.30 5.21
CA GLY A 382 -2.19 4.70 4.99
C GLY A 382 -2.15 3.39 5.73
N GLU A 383 -1.40 2.41 5.26
CA GLU A 383 -1.50 1.12 5.94
C GLU A 383 -0.33 0.77 6.89
N TYR A 384 -0.63 0.72 8.19
CA TYR A 384 0.37 0.54 9.30
C TYR A 384 1.55 1.46 9.12
N GLU A 385 1.22 2.73 8.88
CA GLU A 385 2.15 3.68 8.28
C GLU A 385 3.04 4.37 9.28
N VAL A 386 4.32 4.47 8.95
CA VAL A 386 5.24 5.33 9.68
C VAL A 386 5.60 6.43 8.72
N LEU A 387 5.52 7.68 9.18
CA LEU A 387 5.91 8.82 8.35
C LEU A 387 7.30 9.30 8.78
N LEU A 388 8.17 9.53 7.81
CA LEU A 388 9.53 10.04 8.09
C LEU A 388 9.67 11.44 7.54
N ASN A 389 10.57 12.20 8.15
CA ASN A 389 10.74 13.61 7.85
C ASN A 389 11.20 13.94 6.44
N HIS A 390 10.69 15.06 5.92
CA HIS A 390 11.17 15.61 4.62
C HIS A 390 12.64 15.87 4.71
N GLY A 391 13.35 15.65 3.61
CA GLY A 391 14.79 15.85 3.64
C GLY A 391 15.64 14.70 4.24
N SER A 392 15.00 13.59 4.59
CA SER A 392 15.72 12.36 4.93
C SER A 392 16.67 11.88 3.84
N LYS A 393 17.86 11.43 4.23
CA LYS A 393 18.74 10.75 3.29
C LYS A 393 18.81 9.25 3.56
N PHE A 394 18.84 8.47 2.49
CA PHE A 394 18.89 7.03 2.57
C PHE A 394 20.09 6.49 1.84
N LYS A 395 20.97 5.83 2.57
CA LYS A 395 22.10 5.10 1.99
C LYS A 395 21.61 3.76 1.42
N ILE A 396 21.84 3.54 0.13
CA ILE A 396 21.41 2.31 -0.52
C ILE A 396 22.56 1.35 -0.49
N ASN A 397 22.63 0.54 0.54
CA ASN A 397 23.77 -0.37 0.63
C ASN A 397 23.73 -1.53 -0.37
N LYS A 398 22.57 -2.08 -0.67
CA LYS A 398 22.54 -3.27 -1.52
C LYS A 398 21.22 -3.41 -2.31
N VAL A 399 21.30 -3.87 -3.55
CA VAL A 399 20.12 -4.05 -4.37
C VAL A 399 19.95 -5.51 -4.71
N ASP A 400 18.82 -6.04 -4.30
CA ASP A 400 18.47 -7.42 -4.49
C ASP A 400 17.30 -7.50 -5.48
N SER A 401 16.97 -8.68 -5.96
CA SER A 401 15.83 -8.75 -6.84
C SER A 401 15.07 -10.06 -6.66
N TYR A 402 13.81 -10.08 -7.03
CA TYR A 402 13.01 -11.27 -6.75
C TYR A 402 11.92 -11.39 -7.78
N LYS A 403 11.33 -12.56 -7.90
CA LYS A 403 10.28 -12.76 -8.88
C LYS A 403 8.93 -12.66 -8.18
N ASP A 404 8.08 -11.74 -8.63
CA ASP A 404 6.66 -11.64 -8.22
C ASP A 404 5.80 -11.97 -9.44
N GLY A 405 5.31 -13.21 -9.53
CA GLY A 405 4.73 -13.78 -10.77
C GLY A 405 5.83 -13.80 -11.83
N THR A 406 5.57 -13.15 -12.96
CA THR A 406 6.59 -13.00 -14.01
C THR A 406 7.36 -11.68 -13.88
N VAL A 407 7.05 -10.87 -12.87
CA VAL A 407 7.62 -9.51 -12.77
C VAL A 407 8.75 -9.48 -11.76
N THR A 408 9.95 -9.09 -12.25
CA THR A 408 11.14 -8.96 -11.42
C THR A 408 11.03 -7.63 -10.79
N LYS A 409 11.04 -7.63 -9.49
CA LYS A 409 11.02 -6.41 -8.72
C LYS A 409 12.35 -6.35 -7.97
N LEU A 410 12.65 -5.19 -7.40
CA LEU A 410 13.90 -4.87 -6.69
C LEU A 410 13.73 -4.58 -5.18
N ILE A 411 14.59 -5.18 -4.35
CA ILE A 411 14.64 -4.83 -2.89
C ILE A 411 15.90 -4.02 -2.61
N LEU A 412 15.72 -2.86 -1.98
CA LEU A 412 16.80 -1.96 -1.77
C LEU A 412 17.06 -1.91 -0.28
N ASP A 413 18.13 -2.59 0.12
CA ASP A 413 18.67 -2.50 1.47
C ASP A 413 19.13 -1.06 1.75
N ALA A 414 18.36 -0.31 2.51
CA ALA A 414 18.73 1.08 2.71
C ALA A 414 18.86 1.36 4.16
N THR A 415 19.57 2.43 4.49
CA THR A 415 19.71 2.91 5.88
C THR A 415 19.41 4.39 5.95
N LEU A 416 18.55 4.78 6.89
CA LEU A 416 18.37 6.21 7.17
C LEU A 416 19.63 6.79 7.83
N ILE A 417 20.17 7.89 7.27
CA ILE A 417 21.32 8.54 7.89
C ILE A 417 21.09 9.96 8.34
N ASN A 418 19.81 10.32 8.46
CA ASN A 418 19.33 11.65 8.91
C ASN A 418 19.19 12.71 7.78
N THR B 5 -42.89 14.10 8.86
CA THR B 5 -43.26 12.66 8.68
C THR B 5 -42.54 11.98 7.46
N THR B 6 -42.01 12.78 6.53
CA THR B 6 -41.25 12.22 5.38
C THR B 6 -39.75 12.49 5.43
N ALA B 7 -38.95 11.42 5.44
CA ALA B 7 -37.50 11.51 5.56
C ALA B 7 -36.84 12.05 4.30
N LEU B 8 -35.71 12.76 4.46
CA LEU B 8 -34.88 13.17 3.31
C LEU B 8 -33.79 12.12 3.22
N VAL B 9 -33.37 11.79 2.01
CA VAL B 9 -32.18 11.01 1.78
C VAL B 9 -31.23 11.89 0.98
N CYS B 10 -30.02 12.02 1.45
CA CYS B 10 -29.07 12.80 0.71
C CYS B 10 -27.77 12.01 0.55
N ASP B 11 -27.43 11.68 -0.71
CA ASP B 11 -26.21 10.93 -1.03
C ASP B 11 -25.10 11.87 -1.51
N ASN B 12 -24.14 12.10 -0.62
CA ASN B 12 -22.97 12.95 -0.84
C ASN B 12 -21.81 12.32 -1.60
N GLY B 13 -21.69 12.62 -2.89
CA GLY B 13 -20.62 12.04 -3.72
C GLY B 13 -19.50 13.01 -3.99
N SER B 14 -18.32 12.48 -4.35
CA SER B 14 -17.14 13.28 -4.69
C SER B 14 -17.45 14.34 -5.74
N GLY B 15 -18.31 14.03 -6.68
CA GLY B 15 -18.59 14.98 -7.69
C GLY B 15 -20.05 15.35 -7.80
N LEU B 16 -20.94 14.49 -7.32
CA LEU B 16 -22.37 14.77 -7.45
C LEU B 16 -23.10 14.52 -6.15
N VAL B 17 -24.04 15.41 -5.87
CA VAL B 17 -24.94 15.25 -4.73
C VAL B 17 -26.22 14.69 -5.28
N LYS B 18 -26.65 13.58 -4.70
CA LYS B 18 -27.92 12.98 -5.04
C LYS B 18 -28.81 13.16 -3.81
N ALA B 19 -29.95 13.85 -3.99
CA ALA B 19 -30.83 14.25 -2.87
C ALA B 19 -32.32 14.05 -3.12
N GLY B 20 -33.10 13.73 -2.10
CA GLY B 20 -34.54 13.66 -2.33
C GLY B 20 -35.28 13.04 -1.18
N PHE B 21 -36.43 12.43 -1.46
CA PHE B 21 -37.40 12.03 -0.43
C PHE B 21 -37.53 10.51 -0.31
N ALA B 22 -37.42 9.95 0.90
CA ALA B 22 -37.58 8.51 1.11
C ALA B 22 -38.94 8.10 0.54
N GLY B 23 -39.05 6.88 0.01
CA GLY B 23 -40.29 6.48 -0.67
C GLY B 23 -40.36 6.84 -2.15
N ASP B 24 -39.49 7.74 -2.62
CA ASP B 24 -39.38 8.03 -4.05
C ASP B 24 -38.44 7.05 -4.73
N ASP B 25 -38.56 6.94 -6.07
CA ASP B 25 -37.79 5.99 -6.90
C ASP B 25 -36.47 6.60 -7.40
N ALA B 26 -36.45 7.91 -7.53
CA ALA B 26 -35.27 8.59 -8.01
C ALA B 26 -35.03 9.80 -7.11
N PRO B 27 -33.79 10.27 -7.01
CA PRO B 27 -33.65 11.52 -6.25
C PRO B 27 -34.35 12.66 -6.99
N ARG B 28 -34.68 13.74 -6.28
CA ARG B 28 -35.29 14.91 -6.91
C ARG B 28 -34.26 15.94 -7.40
N ALA B 29 -33.22 16.17 -6.63
CA ALA B 29 -32.13 16.94 -7.15
C ALA B 29 -30.84 16.10 -7.20
N VAL B 30 -30.11 16.29 -8.30
CA VAL B 30 -28.74 15.88 -8.39
C VAL B 30 -27.99 17.06 -8.96
N PHE B 31 -26.89 17.42 -8.31
CA PHE B 31 -26.18 18.62 -8.69
C PHE B 31 -24.70 18.51 -8.30
N PRO B 32 -23.87 19.43 -8.82
CA PRO B 32 -22.45 19.31 -8.65
C PRO B 32 -22.03 19.63 -7.24
N SER B 33 -21.09 18.86 -6.74
CA SER B 33 -20.66 18.91 -5.39
C SER B 33 -19.48 19.87 -5.33
N ILE B 34 -19.76 21.10 -5.80
CA ILE B 34 -18.75 22.18 -5.88
C ILE B 34 -19.24 23.50 -5.30
N VAL B 35 -18.30 24.30 -4.79
CA VAL B 35 -18.61 25.71 -4.49
C VAL B 35 -17.66 26.78 -5.11
N GLY B 36 -16.83 27.42 -4.29
CA GLY B 36 -16.14 28.67 -4.70
C GLY B 36 -14.96 29.21 -3.91
N ARG B 37 -13.93 29.59 -4.67
CA ARG B 37 -12.66 30.18 -4.21
C ARG B 37 -12.61 31.68 -4.62
N PRO B 38 -13.18 32.62 -3.79
CA PRO B 38 -13.39 34.06 -4.17
C PRO B 38 -12.17 35.03 -4.33
N ARG B 39 -12.38 36.08 -5.15
CA ARG B 39 -11.41 37.15 -5.53
C ARG B 39 -10.22 37.36 -4.58
N LYS B 50 -23.14 37.32 -4.55
CA LYS B 50 -21.94 38.14 -4.59
C LYS B 50 -20.67 37.37 -4.19
N ASP B 51 -20.65 36.77 -2.98
CA ASP B 51 -19.42 36.15 -2.43
C ASP B 51 -19.00 34.77 -3.00
N SER B 52 -19.96 33.86 -3.20
CA SER B 52 -19.75 32.46 -3.68
C SER B 52 -21.05 31.77 -4.15
N TYR B 53 -21.00 31.20 -5.35
CA TYR B 53 -22.12 30.44 -5.89
C TYR B 53 -21.92 28.91 -5.70
N VAL B 54 -23.00 28.20 -5.33
CA VAL B 54 -22.93 26.80 -4.90
C VAL B 54 -23.65 25.86 -5.84
N GLY B 55 -23.02 24.74 -6.17
CA GLY B 55 -23.64 23.74 -7.06
C GLY B 55 -23.76 24.17 -8.51
N ASP B 56 -24.88 23.78 -9.12
CA ASP B 56 -25.12 24.03 -10.56
C ASP B 56 -25.12 25.52 -10.95
N GLU B 57 -25.25 26.38 -9.94
CA GLU B 57 -25.17 27.84 -10.09
C GLU B 57 -23.74 28.34 -10.28
N ALA B 58 -22.76 27.58 -9.78
CA ALA B 58 -21.35 27.91 -10.02
C ALA B 58 -20.94 27.46 -11.42
N GLN B 59 -21.88 26.87 -12.16
CA GLN B 59 -21.76 26.77 -13.63
C GLN B 59 -21.98 28.17 -14.22
N SER B 60 -21.23 29.11 -13.64
CA SER B 60 -21.28 30.53 -13.92
C SER B 60 -19.89 31.06 -13.56
N LYS B 61 -19.78 31.84 -12.50
CA LYS B 61 -18.47 32.27 -12.00
C LYS B 61 -17.76 31.08 -11.39
N ARG B 62 -16.97 30.42 -12.23
CA ARG B 62 -16.10 29.34 -11.81
C ARG B 62 -14.69 29.86 -11.57
N GLY B 63 -14.55 31.19 -11.61
CA GLY B 63 -13.27 31.95 -11.62
C GLY B 63 -13.50 33.40 -12.06
N ILE B 64 -12.76 34.38 -11.52
CA ILE B 64 -11.72 34.25 -10.50
C ILE B 64 -12.35 34.02 -9.10
N LEU B 65 -13.59 33.51 -9.09
CA LEU B 65 -14.28 33.04 -7.88
C LEU B 65 -14.43 31.49 -7.88
N THR B 66 -13.28 30.78 -8.03
CA THR B 66 -13.08 29.37 -8.63
C THR B 66 -13.59 28.02 -7.98
N LEU B 67 -13.85 27.03 -8.85
CA LEU B 67 -14.37 25.69 -8.48
C LEU B 67 -13.59 24.91 -7.41
N LYS B 68 -14.17 24.75 -6.22
CA LYS B 68 -13.62 23.92 -5.10
C LYS B 68 -14.47 22.66 -4.75
N TYR B 69 -13.81 21.52 -4.52
CA TYR B 69 -14.47 20.21 -4.21
C TYR B 69 -14.33 19.71 -2.73
N PRO B 70 -15.39 19.87 -1.91
CA PRO B 70 -15.36 19.65 -0.46
C PRO B 70 -15.24 18.22 -0.04
N ILE B 71 -15.60 17.30 -0.94
CA ILE B 71 -15.42 15.87 -0.76
C ILE B 71 -14.41 15.46 -1.81
N GLU B 72 -13.36 14.75 -1.42
CA GLU B 72 -12.39 14.24 -2.39
C GLU B 72 -12.17 12.79 -2.13
N HIS B 73 -12.24 11.97 -3.16
CA HIS B 73 -12.05 10.53 -2.99
C HIS B 73 -13.03 9.93 -1.97
N GLY B 74 -14.25 10.47 -1.93
CA GLY B 74 -15.32 9.93 -1.11
C GLY B 74 -15.41 10.50 0.30
N ILE B 75 -14.35 11.18 0.76
CA ILE B 75 -14.25 11.64 2.15
C ILE B 75 -14.44 13.16 2.26
N ILE B 76 -15.14 13.59 3.30
CA ILE B 76 -15.34 15.03 3.46
C ILE B 76 -14.03 15.56 4.06
N THR B 77 -13.48 16.62 3.45
CA THR B 77 -12.26 17.23 4.00
C THR B 77 -12.30 18.76 4.22
N ASN B 78 -13.19 19.48 3.52
CA ASN B 78 -13.51 20.92 3.70
C ASN B 78 -14.90 21.15 4.41
N TRP B 79 -14.95 21.04 5.73
CA TRP B 79 -16.22 21.17 6.47
C TRP B 79 -17.00 22.43 6.25
N ASP B 80 -16.30 23.50 5.94
CA ASP B 80 -16.99 24.76 5.73
C ASP B 80 -17.80 24.72 4.46
N ASP B 81 -17.20 24.24 3.37
CA ASP B 81 -17.94 24.15 2.09
C ASP B 81 -18.96 23.02 2.14
N MET B 82 -18.71 22.01 2.97
CA MET B 82 -19.69 20.95 3.16
C MET B 82 -21.01 21.48 3.74
N GLU B 83 -20.93 22.23 4.84
CA GLU B 83 -22.08 23.00 5.34
C GLU B 83 -22.85 23.73 4.23
N LYS B 84 -22.12 24.39 3.33
CA LYS B 84 -22.75 25.13 2.26
C LYS B 84 -23.48 24.23 1.26
N ILE B 85 -22.88 23.07 0.96
CA ILE B 85 -23.51 22.04 0.12
C ILE B 85 -24.84 21.57 0.74
N TRP B 86 -24.78 21.27 2.03
CA TRP B 86 -25.96 20.87 2.75
C TRP B 86 -27.00 21.97 2.78
N HIS B 87 -26.53 23.21 3.03
CA HIS B 87 -27.44 24.32 3.07
C HIS B 87 -28.16 24.38 1.73
N HIS B 88 -27.39 24.39 0.65
CA HIS B 88 -27.92 24.45 -0.71
C HIS B 88 -28.95 23.36 -1.03
N THR B 89 -28.67 22.17 -0.50
CA THR B 89 -29.46 20.98 -0.70
C THR B 89 -30.83 21.22 -0.14
N PHE B 90 -30.88 21.68 1.12
CA PHE B 90 -32.14 21.90 1.84
C PHE B 90 -32.95 23.10 1.33
N TYR B 91 -32.26 24.23 1.20
CA TYR B 91 -32.94 25.46 0.90
C TYR B 91 -33.05 25.72 -0.61
N ASN B 92 -31.95 25.76 -1.35
CA ASN B 92 -32.04 25.97 -2.82
C ASN B 92 -32.61 24.77 -3.62
N GLU B 93 -32.33 23.53 -3.22
CA GLU B 93 -32.65 22.38 -4.10
C GLU B 93 -33.95 21.63 -3.74
N LEU B 94 -34.09 21.23 -2.49
CA LEU B 94 -35.19 20.42 -2.08
C LEU B 94 -36.34 21.26 -1.59
N ARG B 95 -36.06 22.55 -1.40
CA ARG B 95 -36.98 23.53 -0.79
C ARG B 95 -37.72 23.05 0.46
N VAL B 96 -36.99 22.42 1.37
CA VAL B 96 -37.59 21.98 2.63
C VAL B 96 -36.85 22.61 3.75
N ALA B 97 -37.44 22.51 4.95
CA ALA B 97 -36.77 22.95 6.15
C ALA B 97 -36.15 21.77 6.89
N PRO B 98 -34.83 21.79 7.09
CA PRO B 98 -34.14 20.69 7.70
C PRO B 98 -34.77 20.29 9.02
N GLU B 99 -35.36 21.25 9.74
CA GLU B 99 -35.94 20.99 11.11
C GLU B 99 -37.13 20.06 11.07
N GLU B 100 -37.66 19.89 9.88
CA GLU B 100 -38.93 19.25 9.69
C GLU B 100 -38.83 17.81 9.18
N HIS B 101 -37.63 17.21 9.16
CA HIS B 101 -37.45 15.94 8.42
C HIS B 101 -36.29 15.15 8.89
N PRO B 102 -36.50 13.91 9.39
CA PRO B 102 -35.38 13.01 9.70
C PRO B 102 -34.53 12.86 8.43
N THR B 103 -33.21 12.88 8.56
CA THR B 103 -32.33 12.91 7.40
C THR B 103 -31.33 11.75 7.36
N LEU B 104 -31.48 10.86 6.37
CA LEU B 104 -30.47 9.85 6.11
C LEU B 104 -29.38 10.42 5.18
N LEU B 105 -28.14 10.35 5.70
CA LEU B 105 -26.89 10.68 4.96
C LEU B 105 -26.07 9.43 4.65
N THR B 106 -25.29 9.49 3.57
CA THR B 106 -24.46 8.35 3.21
C THR B 106 -23.02 8.66 3.53
N GLU B 107 -22.18 7.63 3.64
CA GLU B 107 -20.75 7.88 3.87
C GLU B 107 -19.97 6.92 3.02
N ALA B 108 -18.70 7.25 2.78
CA ALA B 108 -17.79 6.29 2.16
C ALA B 108 -17.49 5.11 3.08
N PRO B 109 -17.26 3.97 2.47
CA PRO B 109 -16.68 2.82 3.14
C PRO B 109 -15.35 3.26 3.79
N LEU B 110 -15.10 2.80 5.01
CA LEU B 110 -13.93 3.19 5.80
C LEU B 110 -13.85 4.70 6.10
N ASN B 111 -14.99 5.36 6.22
CA ASN B 111 -15.07 6.74 6.75
C ASN B 111 -14.68 6.69 8.22
N PRO B 112 -13.72 7.54 8.65
CA PRO B 112 -13.24 7.58 10.05
C PRO B 112 -14.39 7.95 10.98
N LYS B 113 -14.47 7.34 12.18
CA LYS B 113 -15.40 7.80 13.23
C LYS B 113 -15.41 9.33 13.41
N ALA B 114 -14.24 9.92 13.67
CA ALA B 114 -14.13 11.38 13.83
C ALA B 114 -15.05 12.06 12.82
N ASN B 115 -14.93 11.60 11.58
CA ASN B 115 -15.58 12.18 10.43
C ASN B 115 -17.09 12.00 10.50
N ARG B 116 -17.54 10.78 10.82
CA ARG B 116 -18.96 10.48 10.99
C ARG B 116 -19.62 11.33 12.10
N GLU B 117 -18.87 11.62 13.17
CA GLU B 117 -19.29 12.50 14.24
C GLU B 117 -19.40 13.97 13.86
N LYS B 118 -18.38 14.55 13.21
CA LYS B 118 -18.53 15.92 12.68
C LYS B 118 -19.84 16.09 11.90
N MET B 119 -20.13 15.16 10.99
CA MET B 119 -21.38 15.08 10.23
C MET B 119 -22.65 15.18 11.10
N THR B 120 -22.68 14.35 12.14
CA THR B 120 -23.77 14.26 13.05
C THR B 120 -23.94 15.58 13.78
N GLN B 121 -22.87 16.01 14.45
CA GLN B 121 -22.87 17.27 15.18
C GLN B 121 -23.44 18.39 14.29
N ILE B 122 -22.91 18.55 13.08
CA ILE B 122 -23.36 19.60 12.22
C ILE B 122 -24.83 19.44 11.84
N MET B 123 -25.24 18.20 11.62
CA MET B 123 -26.59 17.92 11.20
C MET B 123 -27.54 18.36 12.30
N PHE B 124 -27.22 18.00 13.54
CA PHE B 124 -28.02 18.34 14.71
C PHE B 124 -27.93 19.76 15.20
N GLU B 125 -26.75 20.38 15.13
CA GLU B 125 -26.55 21.69 15.74
C GLU B 125 -26.67 22.81 14.80
N THR B 126 -26.19 22.61 13.59
CA THR B 126 -26.33 23.65 12.59
C THR B 126 -27.68 23.62 11.89
N PHE B 127 -28.12 22.44 11.47
CA PHE B 127 -29.33 22.32 10.67
C PHE B 127 -30.52 21.90 11.51
N ASN B 128 -30.28 21.55 12.78
CA ASN B 128 -31.37 21.26 13.73
C ASN B 128 -32.31 20.20 13.21
N VAL B 129 -31.77 19.11 12.70
CA VAL B 129 -32.63 18.02 12.25
C VAL B 129 -33.27 17.34 13.46
N PRO B 130 -34.51 16.84 13.31
CA PRO B 130 -35.17 16.07 14.35
C PRO B 130 -34.51 14.72 14.54
N ALA B 131 -33.92 14.18 13.49
CA ALA B 131 -33.31 12.85 13.56
C ALA B 131 -32.42 12.67 12.34
N MET B 132 -31.54 11.68 12.40
CA MET B 132 -30.65 11.39 11.30
C MET B 132 -30.03 10.01 11.39
N TYR B 133 -29.40 9.58 10.30
CA TYR B 133 -28.68 8.32 10.26
C TYR B 133 -27.61 8.42 9.20
N VAL B 134 -26.51 7.69 9.36
CA VAL B 134 -25.49 7.68 8.33
C VAL B 134 -25.37 6.23 7.89
N ALA B 135 -25.60 5.92 6.62
CA ALA B 135 -25.36 4.54 6.11
C ALA B 135 -24.11 4.49 5.23
N ILE B 136 -23.44 3.35 5.21
CA ILE B 136 -22.39 3.13 4.23
C ILE B 136 -22.95 3.04 2.80
N GLN B 137 -22.44 3.88 1.92
CA GLN B 137 -22.88 3.94 0.51
C GLN B 137 -23.01 2.56 -0.21
N ALA B 138 -22.06 1.66 0.00
CA ALA B 138 -22.01 0.38 -0.68
C ALA B 138 -23.09 -0.55 -0.19
N VAL B 139 -23.33 -0.55 1.11
CA VAL B 139 -24.36 -1.37 1.73
C VAL B 139 -25.74 -1.03 1.17
N LEU B 140 -25.99 0.24 0.96
CA LEU B 140 -27.24 0.63 0.36
C LEU B 140 -27.39 0.15 -1.10
N SER B 141 -26.34 0.25 -1.90
CA SER B 141 -26.40 -0.29 -3.24
C SER B 141 -26.76 -1.77 -3.26
N LEU B 142 -26.06 -2.56 -2.44
CA LEU B 142 -26.39 -3.94 -2.27
C LEU B 142 -27.87 -4.07 -1.92
N TYR B 143 -28.29 -3.28 -0.95
CA TYR B 143 -29.65 -3.34 -0.48
C TYR B 143 -30.68 -2.97 -1.58
N ALA B 144 -30.39 -1.98 -2.42
CA ALA B 144 -31.26 -1.71 -3.56
C ALA B 144 -31.56 -2.92 -4.47
N SER B 145 -30.67 -3.91 -4.54
CA SER B 145 -31.05 -5.00 -5.42
C SER B 145 -31.36 -6.24 -4.58
N GLY B 146 -32.08 -5.98 -3.48
CA GLY B 146 -32.66 -6.97 -2.60
C GLY B 146 -31.63 -7.79 -1.85
N ARG B 147 -30.44 -7.25 -1.61
CA ARG B 147 -29.35 -8.08 -1.09
C ARG B 147 -28.68 -7.55 0.15
N THR B 148 -28.08 -8.48 0.88
CA THR B 148 -27.62 -8.26 2.19
C THR B 148 -26.26 -8.98 2.30
N THR B 149 -26.02 -9.91 1.37
CA THR B 149 -24.72 -10.52 1.17
C THR B 149 -24.25 -10.30 -0.29
N GLY B 150 -23.00 -9.94 -0.48
CA GLY B 150 -22.50 -9.59 -1.80
C GLY B 150 -21.22 -8.79 -1.77
N ILE B 151 -20.60 -8.62 -2.93
CA ILE B 151 -19.48 -7.70 -3.01
C ILE B 151 -19.79 -6.59 -4.00
N VAL B 152 -19.61 -5.36 -3.56
CA VAL B 152 -19.96 -4.20 -4.38
C VAL B 152 -18.69 -3.56 -4.95
N LEU B 153 -18.67 -3.35 -6.28
CA LEU B 153 -17.80 -2.37 -6.95
C LEU B 153 -18.51 -1.03 -7.00
N ASP B 154 -18.08 -0.07 -6.19
CA ASP B 154 -18.67 1.26 -6.28
C ASP B 154 -17.65 2.19 -6.92
N SER B 155 -17.96 2.70 -8.08
CA SER B 155 -17.03 3.53 -8.75
C SER B 155 -17.72 4.81 -9.15
N GLY B 156 -17.33 5.92 -8.51
CA GLY B 156 -17.90 7.23 -8.80
C GLY B 156 -16.99 8.18 -9.57
N ASP B 157 -16.84 9.39 -9.06
CA ASP B 157 -16.12 10.47 -9.73
C ASP B 157 -14.69 10.56 -9.19
N GLY B 158 -14.56 10.42 -7.87
CA GLY B 158 -13.30 10.61 -7.22
C GLY B 158 -12.71 9.37 -6.61
N VAL B 159 -13.46 8.31 -6.38
CA VAL B 159 -12.89 7.10 -5.78
C VAL B 159 -13.67 5.86 -6.21
N THR B 160 -12.98 4.72 -6.25
CA THR B 160 -13.63 3.43 -6.42
C THR B 160 -13.29 2.44 -5.27
N HIS B 161 -14.31 1.69 -4.80
CA HIS B 161 -14.15 0.71 -3.67
C HIS B 161 -14.59 -0.69 -4.04
N ASN B 162 -14.00 -1.68 -3.41
CA ASN B 162 -14.55 -3.03 -3.47
C ASN B 162 -15.02 -3.26 -2.07
N VAL B 163 -16.27 -3.62 -1.87
CA VAL B 163 -16.76 -3.71 -0.52
C VAL B 163 -17.47 -5.02 -0.30
N PRO B 164 -16.81 -6.00 0.32
CA PRO B 164 -17.51 -7.21 0.70
C PRO B 164 -18.43 -7.01 1.95
N ILE B 165 -19.62 -7.62 1.86
CA ILE B 165 -20.63 -7.39 2.83
C ILE B 165 -21.31 -8.72 3.14
N TYR B 166 -21.33 -9.07 4.41
CA TYR B 166 -22.02 -10.30 4.78
C TYR B 166 -23.07 -9.97 5.80
N GLU B 167 -24.32 -10.35 5.53
CA GLU B 167 -25.45 -10.08 6.44
C GLU B 167 -25.64 -8.61 6.82
N GLY B 168 -25.50 -7.72 5.84
CA GLY B 168 -25.67 -6.28 6.08
C GLY B 168 -24.44 -5.63 6.69
N TYR B 169 -23.41 -6.41 7.00
CA TYR B 169 -22.20 -5.83 7.55
C TYR B 169 -21.09 -5.77 6.52
N ALA B 170 -20.48 -4.60 6.40
CA ALA B 170 -19.27 -4.44 5.63
C ALA B 170 -18.11 -4.99 6.45
N LEU B 171 -17.18 -5.66 5.78
CA LEU B 171 -16.06 -6.28 6.43
C LEU B 171 -14.87 -5.36 6.22
N PRO B 172 -14.71 -4.37 7.11
CA PRO B 172 -13.79 -3.26 6.87
C PRO B 172 -12.35 -3.68 6.53
N HIS B 173 -11.86 -4.77 7.09
CA HIS B 173 -10.51 -5.26 6.75
C HIS B 173 -10.35 -5.72 5.30
N ALA B 174 -11.45 -6.13 4.64
CA ALA B 174 -11.39 -6.51 3.20
C ALA B 174 -11.80 -5.42 2.16
N ILE B 175 -12.11 -4.21 2.62
CA ILE B 175 -12.48 -3.15 1.70
C ILE B 175 -11.29 -2.65 0.89
N MET B 176 -11.33 -2.70 -0.42
CA MET B 176 -10.25 -2.11 -1.22
C MET B 176 -10.62 -0.70 -1.61
N ARG B 177 -9.63 0.19 -1.63
CA ARG B 177 -9.80 1.57 -2.04
C ARG B 177 -8.86 1.96 -3.21
N LEU B 178 -9.39 2.42 -4.34
CA LEU B 178 -8.56 2.99 -5.40
C LEU B 178 -8.84 4.44 -5.65
N ASP B 179 -7.85 5.31 -5.56
CA ASP B 179 -8.10 6.69 -5.99
C ASP B 179 -8.02 6.78 -7.51
N LEU B 180 -8.93 6.10 -8.19
CA LEU B 180 -8.98 6.10 -9.62
C LEU B 180 -10.44 5.98 -9.99
N ALA B 181 -10.95 6.92 -10.76
CA ALA B 181 -12.39 6.97 -11.01
C ALA B 181 -12.72 7.89 -12.18
N GLY B 182 -13.95 8.36 -12.26
CA GLY B 182 -14.47 9.03 -13.45
C GLY B 182 -13.72 10.31 -13.79
N ARG B 183 -13.30 11.04 -12.75
CA ARG B 183 -12.63 12.30 -12.94
C ARG B 183 -11.29 12.03 -13.63
N ASP B 184 -10.59 10.95 -13.23
CA ASP B 184 -9.29 10.64 -13.80
C ASP B 184 -9.47 10.10 -15.19
N LEU B 185 -10.60 9.44 -15.40
CA LEU B 185 -10.92 8.93 -16.72
C LEU B 185 -11.22 10.05 -17.73
N THR B 186 -11.78 11.16 -17.27
CA THR B 186 -12.03 12.29 -18.15
C THR B 186 -10.70 13.00 -18.47
N ASP B 187 -9.82 13.15 -17.48
CA ASP B 187 -8.53 13.77 -17.68
C ASP B 187 -7.70 13.00 -18.71
N TYR B 188 -7.89 11.69 -18.69
CA TYR B 188 -7.11 10.83 -19.51
C TYR B 188 -7.70 10.90 -20.92
N LEU B 189 -9.03 10.95 -21.03
CA LEU B 189 -9.61 11.14 -22.36
C LEU B 189 -9.12 12.47 -22.96
N MET B 190 -9.07 13.51 -22.13
CA MET B 190 -8.48 14.73 -22.57
C MET B 190 -7.05 14.57 -23.10
N LYS B 191 -6.17 13.92 -22.33
CA LYS B 191 -4.79 13.70 -22.74
C LYS B 191 -4.72 12.98 -24.10
N ILE B 192 -5.44 11.85 -24.23
CA ILE B 192 -5.31 11.07 -25.46
C ILE B 192 -5.99 11.72 -26.66
N LEU B 193 -7.09 12.42 -26.45
CA LEU B 193 -7.71 13.14 -27.53
C LEU B 193 -6.75 14.25 -27.96
N THR B 194 -6.13 14.93 -26.99
CA THR B 194 -5.09 15.90 -27.35
C THR B 194 -3.95 15.22 -28.16
N GLU B 195 -3.49 14.07 -27.71
CA GLU B 195 -2.51 13.33 -28.50
C GLU B 195 -2.93 13.11 -29.97
N ARG B 196 -4.22 13.00 -30.26
CA ARG B 196 -4.67 12.85 -31.65
C ARG B 196 -4.68 14.15 -32.51
N GLY B 197 -4.37 15.31 -31.92
CA GLY B 197 -4.36 16.56 -32.67
C GLY B 197 -5.48 17.55 -32.33
N TYR B 198 -6.36 17.18 -31.40
CA TYR B 198 -7.28 18.13 -30.80
C TYR B 198 -6.59 18.81 -29.63
N SER B 199 -7.26 19.71 -28.95
CA SER B 199 -6.66 20.27 -27.75
C SER B 199 -7.78 20.45 -26.76
N PHE B 200 -7.79 19.54 -25.78
CA PHE B 200 -8.73 19.63 -24.68
C PHE B 200 -7.93 19.76 -23.39
N VAL B 201 -7.85 20.97 -22.88
CA VAL B 201 -7.00 21.26 -21.73
C VAL B 201 -7.67 22.14 -20.68
N THR B 202 -8.62 23.00 -21.05
CA THR B 202 -9.17 23.92 -20.04
C THR B 202 -10.26 23.29 -19.21
N THR B 203 -10.65 23.96 -18.14
CA THR B 203 -11.64 23.34 -17.30
C THR B 203 -13.00 23.29 -18.00
N ALA B 204 -13.33 24.31 -18.79
CA ALA B 204 -14.55 24.27 -19.60
C ALA B 204 -14.53 23.05 -20.56
N GLU B 205 -13.42 22.86 -21.28
CA GLU B 205 -13.21 21.69 -22.16
C GLU B 205 -13.27 20.33 -21.43
N ARG B 206 -12.72 20.28 -20.22
CA ARG B 206 -12.92 19.15 -19.34
C ARG B 206 -14.41 18.73 -19.27
N GLU B 207 -15.35 19.68 -19.26
CA GLU B 207 -16.79 19.28 -19.25
C GLU B 207 -17.26 18.65 -20.53
N ILE B 208 -16.72 19.11 -21.64
CA ILE B 208 -17.14 18.52 -22.90
C ILE B 208 -16.58 17.11 -23.02
N VAL B 209 -15.35 16.89 -22.51
CA VAL B 209 -14.89 15.53 -22.61
C VAL B 209 -15.57 14.54 -21.65
N ARG B 210 -15.91 14.98 -20.43
CA ARG B 210 -16.87 14.23 -19.59
C ARG B 210 -18.06 13.72 -20.45
N ASP B 211 -18.63 14.60 -21.25
CA ASP B 211 -19.80 14.24 -22.02
C ASP B 211 -19.42 13.22 -23.08
N ILE B 212 -18.35 13.48 -23.82
CA ILE B 212 -17.89 12.53 -24.81
C ILE B 212 -17.69 11.16 -24.17
N LYS B 213 -17.04 11.15 -23.00
CA LYS B 213 -16.77 9.93 -22.24
C LYS B 213 -18.06 9.20 -21.94
N GLU B 214 -19.01 9.90 -21.34
CA GLU B 214 -20.30 9.26 -21.00
C GLU B 214 -21.04 8.84 -22.24
N LYS B 215 -20.84 9.55 -23.33
CA LYS B 215 -21.63 9.30 -24.51
C LYS B 215 -21.09 8.18 -25.37
N LEU B 216 -19.78 8.08 -25.51
CA LEU B 216 -19.25 7.16 -26.51
C LEU B 216 -18.24 6.12 -26.04
N CYS B 217 -17.87 6.11 -24.76
CA CYS B 217 -16.84 5.18 -24.37
C CYS B 217 -17.45 3.84 -23.98
N TYR B 218 -16.62 2.80 -24.02
CA TYR B 218 -17.05 1.44 -23.69
C TYR B 218 -15.85 0.59 -23.36
N VAL B 219 -16.10 -0.59 -22.80
CA VAL B 219 -15.03 -1.46 -22.36
C VAL B 219 -14.94 -2.67 -23.30
N ALA B 220 -13.83 -2.79 -23.99
CA ALA B 220 -13.60 -3.92 -24.90
C ALA B 220 -13.60 -5.22 -24.14
N LEU B 221 -14.22 -6.24 -24.71
CA LEU B 221 -14.21 -7.55 -24.09
C LEU B 221 -12.79 -8.11 -24.12
N ASP B 222 -12.06 -7.79 -25.18
CA ASP B 222 -10.66 -8.16 -25.34
C ASP B 222 -9.87 -6.96 -25.83
N PHE B 223 -9.11 -6.37 -24.93
CA PHE B 223 -8.50 -5.11 -25.29
C PHE B 223 -7.57 -5.14 -26.52
N GLU B 224 -6.70 -6.13 -26.60
CA GLU B 224 -5.68 -6.19 -27.65
C GLU B 224 -6.36 -6.45 -29.01
N ASN B 225 -7.40 -7.24 -28.99
CA ASN B 225 -8.23 -7.40 -30.14
C ASN B 225 -8.93 -6.15 -30.64
N GLU B 226 -9.43 -5.35 -29.72
CA GLU B 226 -10.08 -4.13 -30.09
C GLU B 226 -9.06 -3.15 -30.66
N MET B 227 -7.83 -3.22 -30.17
CA MET B 227 -6.80 -2.37 -30.71
C MET B 227 -6.56 -2.72 -32.18
N ALA B 228 -6.50 -4.02 -32.46
CA ALA B 228 -6.28 -4.50 -33.81
C ALA B 228 -7.42 -4.11 -34.78
N THR B 229 -8.67 -4.32 -34.38
CA THR B 229 -9.82 -3.87 -35.18
C THR B 229 -9.70 -2.38 -35.53
N ALA B 230 -9.41 -1.54 -34.55
CA ALA B 230 -9.44 -0.10 -34.75
C ALA B 230 -8.33 0.34 -35.68
N ALA B 231 -7.27 -0.43 -35.73
CA ALA B 231 -6.07 -0.06 -36.50
C ALA B 231 -6.29 -0.40 -37.97
N SER B 232 -7.02 -1.48 -38.23
CA SER B 232 -7.06 -2.12 -39.55
C SER B 232 -8.35 -1.84 -40.34
N SER B 233 -9.30 -1.15 -39.73
CA SER B 233 -10.58 -0.87 -40.37
C SER B 233 -11.10 0.39 -39.73
N SER B 234 -12.32 0.77 -40.06
CA SER B 234 -12.87 2.05 -39.61
C SER B 234 -14.11 1.91 -38.72
N SER B 235 -14.55 0.65 -38.55
CA SER B 235 -15.83 0.28 -37.95
C SER B 235 -16.14 0.85 -36.57
N LEU B 236 -15.08 1.20 -35.83
CA LEU B 236 -15.18 1.64 -34.42
C LEU B 236 -15.18 3.15 -34.19
N GLU B 237 -15.07 3.94 -35.27
CA GLU B 237 -15.04 5.40 -35.13
C GLU B 237 -16.44 5.95 -34.97
N LYS B 238 -16.57 6.90 -34.05
CA LYS B 238 -17.81 7.61 -33.89
C LYS B 238 -17.49 9.11 -33.94
N SER B 239 -18.51 9.93 -34.10
CA SER B 239 -18.22 11.33 -34.26
C SER B 239 -19.10 12.15 -33.34
N TYR B 240 -18.67 13.36 -33.06
CA TYR B 240 -19.23 14.10 -31.95
C TYR B 240 -19.27 15.60 -32.24
N GLU B 241 -20.40 16.25 -31.98
CA GLU B 241 -20.51 17.68 -32.24
C GLU B 241 -20.20 18.53 -31.00
N LEU B 242 -19.19 19.37 -31.12
CA LEU B 242 -18.87 20.32 -30.05
C LEU B 242 -19.91 21.46 -30.02
N PRO B 243 -19.97 22.23 -28.91
CA PRO B 243 -20.89 23.37 -28.85
C PRO B 243 -20.75 24.36 -30.00
N ASP B 244 -19.54 24.55 -30.48
CA ASP B 244 -19.29 25.43 -31.61
C ASP B 244 -19.57 24.77 -32.99
N GLY B 245 -20.19 23.59 -32.98
CA GLY B 245 -20.59 22.96 -34.24
C GLY B 245 -19.51 22.21 -35.00
N GLN B 246 -18.25 22.40 -34.62
CA GLN B 246 -17.19 21.48 -35.05
C GLN B 246 -17.49 20.03 -34.61
N VAL B 247 -17.27 19.11 -35.52
CA VAL B 247 -17.53 17.72 -35.21
C VAL B 247 -16.21 16.99 -35.30
N ILE B 248 -15.90 16.27 -34.25
CA ILE B 248 -14.64 15.54 -34.20
C ILE B 248 -14.90 14.05 -34.32
N THR B 249 -13.84 13.32 -34.61
CA THR B 249 -13.86 11.90 -34.74
C THR B 249 -13.23 11.35 -33.46
N ILE B 250 -13.71 10.21 -33.01
CA ILE B 250 -13.05 9.49 -31.91
C ILE B 250 -12.93 7.99 -32.20
N GLY B 251 -11.71 7.48 -32.02
CA GLY B 251 -11.35 6.16 -32.48
C GLY B 251 -11.11 5.24 -31.32
N ASN B 252 -9.88 4.79 -31.15
CA ASN B 252 -9.63 3.77 -30.16
C ASN B 252 -9.65 4.35 -28.74
N GLU B 253 -9.72 5.69 -28.63
CA GLU B 253 -9.82 6.42 -27.35
C GLU B 253 -11.08 6.01 -26.63
N ARG B 254 -12.03 5.60 -27.45
CA ARG B 254 -13.32 5.13 -27.04
C ARG B 254 -13.23 3.98 -25.98
N PHE B 255 -12.31 3.05 -26.17
CA PHE B 255 -12.16 1.99 -25.16
C PHE B 255 -10.84 2.07 -24.39
N ARG B 256 -9.93 2.91 -24.88
CA ARG B 256 -8.68 3.09 -24.20
C ARG B 256 -8.96 3.80 -22.89
N CYS B 257 -9.89 4.75 -22.92
CA CYS B 257 -10.17 5.56 -21.75
C CYS B 257 -10.59 4.67 -20.55
N PRO B 258 -11.67 3.90 -20.69
CA PRO B 258 -12.02 3.11 -19.51
C PRO B 258 -11.20 1.84 -19.31
N GLU B 259 -10.33 1.50 -20.29
CA GLU B 259 -9.37 0.41 -20.09
C GLU B 259 -8.44 0.70 -18.88
N THR B 260 -8.19 2.01 -18.65
CA THR B 260 -7.51 2.44 -17.45
C THR B 260 -8.07 1.78 -16.18
N LEU B 261 -9.38 1.50 -16.10
CA LEU B 261 -9.91 0.86 -14.88
C LEU B 261 -9.28 -0.51 -14.61
N PHE B 262 -8.92 -1.19 -15.71
CA PHE B 262 -8.29 -2.54 -15.64
C PHE B 262 -6.77 -2.47 -15.62
N GLN B 263 -6.22 -1.42 -16.23
CA GLN B 263 -4.79 -1.22 -16.30
C GLN B 263 -4.51 0.22 -15.85
N PRO B 264 -4.41 0.44 -14.53
CA PRO B 264 -4.17 1.82 -14.09
C PRO B 264 -2.88 2.43 -14.61
N SER B 265 -2.05 1.62 -15.25
CA SER B 265 -0.71 2.05 -15.77
C SER B 265 -0.82 2.98 -16.97
N PHE B 266 -1.94 2.89 -17.70
CA PHE B 266 -2.30 3.86 -18.75
C PHE B 266 -2.15 5.30 -18.30
N ILE B 267 -2.25 5.50 -16.99
CA ILE B 267 -2.40 6.80 -16.41
C ILE B 267 -1.21 7.05 -15.45
N GLY B 268 -0.19 6.20 -15.54
CA GLY B 268 0.94 6.23 -14.64
C GLY B 268 0.70 5.57 -13.29
N MET B 269 -0.49 5.04 -13.02
CA MET B 269 -0.77 4.48 -11.72
C MET B 269 -0.33 3.03 -11.58
N GLU B 270 0.16 2.68 -10.41
CA GLU B 270 0.71 1.37 -10.28
C GLU B 270 -0.03 0.48 -9.32
N SER B 271 -1.28 0.83 -9.04
CA SER B 271 -2.09 -0.01 -8.20
C SER B 271 -2.67 -1.14 -9.02
N ALA B 272 -3.35 -2.07 -8.37
CA ALA B 272 -4.07 -3.14 -9.05
C ALA B 272 -5.27 -2.57 -9.83
N GLY B 273 -5.74 -3.25 -10.86
CA GLY B 273 -6.97 -2.85 -11.50
C GLY B 273 -8.22 -3.33 -10.76
N ILE B 274 -9.38 -2.89 -11.23
CA ILE B 274 -10.64 -3.25 -10.55
C ILE B 274 -10.97 -4.76 -10.48
N HIS B 275 -10.49 -5.55 -11.45
CA HIS B 275 -10.65 -7.00 -11.34
C HIS B 275 -9.75 -7.53 -10.24
N GLU B 276 -8.53 -7.02 -10.15
CA GLU B 276 -7.56 -7.47 -9.16
C GLU B 276 -7.95 -7.03 -7.75
N THR B 277 -8.45 -5.81 -7.60
CA THR B 277 -8.87 -5.40 -6.25
C THR B 277 -10.10 -6.19 -5.85
N THR B 278 -10.96 -6.50 -6.80
CA THR B 278 -12.09 -7.39 -6.50
C THR B 278 -11.60 -8.72 -5.97
N TYR B 279 -10.71 -9.38 -6.70
CA TYR B 279 -10.14 -10.62 -6.24
C TYR B 279 -9.47 -10.48 -4.88
N ASN B 280 -8.58 -9.51 -4.75
CA ASN B 280 -7.92 -9.27 -3.49
C ASN B 280 -8.93 -9.20 -2.36
N SER B 281 -9.98 -8.42 -2.59
CA SER B 281 -10.99 -8.15 -1.57
C SER B 281 -11.61 -9.45 -1.13
N ILE B 282 -12.00 -10.27 -2.10
CA ILE B 282 -12.62 -11.56 -1.85
C ILE B 282 -11.68 -12.42 -1.04
N MET B 283 -10.40 -12.38 -1.39
CA MET B 283 -9.40 -13.26 -0.82
C MET B 283 -9.05 -12.91 0.62
N LYS B 284 -9.24 -11.66 1.00
CA LYS B 284 -9.05 -11.25 2.38
C LYS B 284 -10.25 -11.65 3.20
N CYS B 285 -11.28 -12.15 2.58
CA CYS B 285 -12.45 -12.65 3.32
C CYS B 285 -12.28 -14.12 3.61
N ASP B 286 -12.98 -14.57 4.63
CA ASP B 286 -12.81 -15.93 5.03
C ASP B 286 -13.55 -16.89 4.08
N ILE B 287 -12.93 -18.06 3.90
CA ILE B 287 -13.23 -18.99 2.80
C ILE B 287 -14.68 -19.48 2.75
N ASP B 288 -15.35 -19.59 3.90
CA ASP B 288 -16.77 -19.99 3.88
C ASP B 288 -17.70 -18.99 3.20
N ILE B 289 -17.40 -17.70 3.24
CA ILE B 289 -18.28 -16.74 2.54
C ILE B 289 -17.96 -16.41 1.06
N ARG B 290 -16.81 -16.86 0.53
CA ARG B 290 -16.38 -16.46 -0.82
C ARG B 290 -17.35 -16.79 -1.97
N LYS B 291 -17.88 -18.02 -1.97
CA LYS B 291 -18.86 -18.49 -2.96
C LYS B 291 -19.98 -17.47 -3.03
N ASP B 292 -20.42 -17.05 -1.85
CA ASP B 292 -21.50 -16.05 -1.74
C ASP B 292 -21.15 -14.72 -2.39
N LEU B 293 -19.89 -14.31 -2.23
CA LEU B 293 -19.40 -13.10 -2.82
C LEU B 293 -19.26 -13.19 -4.35
N TYR B 294 -18.62 -14.23 -4.85
CA TYR B 294 -18.53 -14.43 -6.31
C TYR B 294 -19.91 -14.45 -7.01
N ALA B 295 -20.93 -14.90 -6.30
CA ALA B 295 -22.25 -15.05 -6.92
C ALA B 295 -23.02 -13.72 -6.94
N ASN B 296 -22.41 -12.70 -6.36
CA ASN B 296 -23.18 -11.55 -5.92
C ASN B 296 -22.32 -10.32 -5.92
N ASN B 297 -21.69 -10.14 -7.08
CA ASN B 297 -20.91 -9.01 -7.45
C ASN B 297 -21.79 -7.92 -8.04
N VAL B 298 -21.99 -6.89 -7.27
CA VAL B 298 -22.88 -5.84 -7.66
C VAL B 298 -22.07 -4.65 -8.07
N MET B 299 -22.42 -4.09 -9.21
CA MET B 299 -21.85 -2.84 -9.68
C MET B 299 -22.72 -1.66 -9.39
N SER B 300 -22.11 -0.53 -9.06
CA SER B 300 -22.83 0.70 -8.79
C SER B 300 -21.89 1.87 -8.95
N GLY B 301 -22.47 3.06 -9.18
CA GLY B 301 -21.70 4.29 -9.39
C GLY B 301 -21.65 4.67 -10.87
N GLY B 302 -21.61 5.97 -11.15
CA GLY B 302 -21.58 6.41 -12.52
C GLY B 302 -20.48 5.76 -13.36
N THR B 303 -19.35 5.43 -12.75
CA THR B 303 -18.25 4.97 -13.55
C THR B 303 -18.33 3.49 -13.89
N THR B 304 -19.30 2.77 -13.34
CA THR B 304 -19.50 1.39 -13.78
C THR B 304 -20.55 1.45 -14.91
N MET B 305 -20.83 2.63 -15.46
CA MET B 305 -21.89 2.70 -16.50
C MET B 305 -21.42 2.28 -17.91
N TYR B 306 -20.12 2.13 -18.16
CA TYR B 306 -19.68 1.77 -19.53
C TYR B 306 -20.32 0.50 -20.10
N PRO B 307 -20.86 0.57 -21.31
CA PRO B 307 -21.23 -0.71 -21.97
C PRO B 307 -20.04 -1.67 -21.97
N GLY B 308 -20.25 -2.96 -21.72
CA GLY B 308 -19.21 -3.91 -21.79
C GLY B 308 -18.55 -4.22 -20.45
N ILE B 309 -18.65 -3.29 -19.51
CA ILE B 309 -17.93 -3.45 -18.29
C ILE B 309 -18.33 -4.72 -17.49
N ALA B 310 -19.62 -4.98 -17.33
CA ALA B 310 -20.06 -6.19 -16.64
C ALA B 310 -19.51 -7.47 -17.30
N ASP B 311 -19.62 -7.55 -18.62
CA ASP B 311 -19.08 -8.68 -19.37
C ASP B 311 -17.57 -8.81 -19.19
N ARG B 312 -16.89 -7.69 -19.24
CA ARG B 312 -15.44 -7.69 -19.02
C ARG B 312 -15.08 -8.11 -17.62
N MET B 313 -15.80 -7.60 -16.65
CA MET B 313 -15.52 -8.04 -15.29
C MET B 313 -15.72 -9.57 -15.14
N GLN B 314 -16.85 -10.07 -15.68
CA GLN B 314 -17.16 -11.50 -15.72
C GLN B 314 -15.96 -12.35 -16.22
N LYS B 315 -15.33 -11.90 -17.32
CA LYS B 315 -14.23 -12.59 -17.94
C LYS B 315 -12.98 -12.56 -17.06
N GLU B 316 -12.64 -11.38 -16.53
CA GLU B 316 -11.45 -11.24 -15.69
C GLU B 316 -11.55 -12.00 -14.39
N ILE B 317 -12.73 -11.97 -13.76
CA ILE B 317 -12.87 -12.67 -12.49
C ILE B 317 -12.90 -14.18 -12.69
N THR B 318 -13.52 -14.63 -13.79
CA THR B 318 -13.48 -16.05 -14.18
C THR B 318 -12.02 -16.51 -14.28
N ALA B 319 -11.19 -15.72 -14.96
CA ALA B 319 -9.76 -16.03 -15.13
C ALA B 319 -8.97 -16.18 -13.82
N LEU B 320 -9.36 -15.44 -12.76
CA LEU B 320 -8.63 -15.47 -11.47
C LEU B 320 -9.19 -16.48 -10.49
N ALA B 321 -10.50 -16.73 -10.58
CA ALA B 321 -11.20 -17.57 -9.59
C ALA B 321 -11.02 -19.03 -9.93
N PRO B 322 -11.25 -19.93 -8.96
CA PRO B 322 -11.18 -21.35 -9.27
C PRO B 322 -12.26 -21.69 -10.28
N SER B 323 -11.97 -22.69 -11.10
CA SER B 323 -12.78 -22.93 -12.30
C SER B 323 -14.11 -23.59 -11.97
N THR B 324 -14.29 -23.98 -10.71
CA THR B 324 -15.57 -24.52 -10.29
C THR B 324 -16.52 -23.43 -9.74
N MET B 325 -16.11 -22.15 -9.81
CA MET B 325 -16.83 -21.05 -9.15
C MET B 325 -17.98 -20.46 -9.98
N LYS B 326 -19.12 -20.26 -9.34
CA LYS B 326 -20.25 -19.64 -9.99
C LYS B 326 -20.00 -18.14 -9.84
N ILE B 327 -19.97 -17.44 -10.97
CA ILE B 327 -19.66 -16.03 -10.98
C ILE B 327 -20.76 -15.18 -11.63
N LYS B 328 -21.36 -14.28 -10.88
CA LYS B 328 -22.45 -13.49 -11.41
C LYS B 328 -22.13 -12.03 -11.18
N ILE B 329 -22.15 -11.24 -12.26
CA ILE B 329 -22.03 -9.80 -12.20
C ILE B 329 -23.43 -9.13 -12.34
N ILE B 330 -23.80 -8.30 -11.36
CA ILE B 330 -25.09 -7.64 -11.40
C ILE B 330 -24.90 -6.14 -11.66
N ALA B 331 -25.34 -5.69 -12.84
CA ALA B 331 -25.22 -4.32 -13.25
C ALA B 331 -26.60 -3.76 -13.56
N PRO B 332 -27.37 -3.40 -12.52
CA PRO B 332 -28.70 -2.76 -12.70
C PRO B 332 -28.66 -1.48 -13.58
N PRO B 333 -29.67 -1.29 -14.42
CA PRO B 333 -29.70 -0.08 -15.28
C PRO B 333 -29.73 1.24 -14.47
N GLU B 334 -30.32 1.19 -13.27
CA GLU B 334 -30.41 2.30 -12.30
C GLU B 334 -29.13 2.46 -11.47
N ARG B 335 -28.11 1.67 -11.78
CA ARG B 335 -26.81 1.59 -11.14
C ARG B 335 -26.25 2.93 -10.68
N LYS B 336 -26.54 4.00 -11.41
CA LYS B 336 -25.92 5.26 -11.02
C LYS B 336 -26.63 6.02 -9.91
N TYR B 337 -27.84 5.63 -9.55
CA TYR B 337 -28.55 6.20 -8.41
C TYR B 337 -28.86 5.16 -7.36
N SER B 338 -28.23 3.99 -7.48
CA SER B 338 -28.59 2.86 -6.63
C SER B 338 -28.21 3.09 -5.18
N VAL B 339 -27.16 3.87 -4.95
CA VAL B 339 -26.86 4.26 -3.59
C VAL B 339 -28.04 5.06 -3.03
N TRP B 340 -28.41 6.12 -3.73
CA TRP B 340 -29.58 6.88 -3.33
C TRP B 340 -30.80 6.03 -3.15
N ILE B 341 -31.04 5.08 -4.06
CA ILE B 341 -32.27 4.34 -4.05
C ILE B 341 -32.27 3.47 -2.81
N GLY B 342 -31.11 2.98 -2.44
CA GLY B 342 -31.05 2.05 -1.34
C GLY B 342 -31.43 2.86 -0.12
N GLY B 343 -31.02 4.11 -0.12
CA GLY B 343 -31.33 5.02 0.98
C GLY B 343 -32.81 5.32 1.07
N SER B 344 -33.45 5.53 -0.08
CA SER B 344 -34.90 5.69 -0.12
C SER B 344 -35.62 4.46 0.48
N ILE B 345 -35.22 3.26 0.06
CA ILE B 345 -35.80 2.03 0.59
C ILE B 345 -35.60 1.89 2.11
N LEU B 346 -34.37 2.11 2.60
CA LEU B 346 -34.07 2.06 4.04
C LEU B 346 -34.89 3.08 4.83
N ALA B 347 -34.92 4.31 4.39
CA ALA B 347 -35.53 5.36 5.18
C ALA B 347 -37.05 5.18 5.30
N SER B 348 -37.63 4.21 4.57
CA SER B 348 -39.06 3.95 4.55
C SER B 348 -39.28 2.63 5.18
N LEU B 349 -38.26 1.78 5.21
CA LEU B 349 -38.41 0.46 5.80
C LEU B 349 -38.95 0.67 7.20
N SER B 350 -39.97 -0.09 7.56
CA SER B 350 -40.57 0.20 8.85
C SER B 350 -39.63 -0.32 9.97
N THR B 351 -39.02 -1.47 9.77
CA THR B 351 -38.17 -2.00 10.81
C THR B 351 -36.87 -1.17 10.89
N PHE B 352 -36.79 -0.14 10.07
CA PHE B 352 -35.65 0.74 10.13
C PHE B 352 -35.90 1.89 11.08
N GLN B 353 -37.17 2.19 11.35
CA GLN B 353 -37.51 3.36 12.17
C GLN B 353 -36.90 3.40 13.58
N GLN B 354 -36.68 2.27 14.24
CA GLN B 354 -35.96 2.36 15.51
C GLN B 354 -34.47 2.72 15.38
N MET B 355 -34.01 2.97 14.17
CA MET B 355 -32.60 3.09 13.90
C MET B 355 -32.20 4.55 13.94
N TRP B 356 -33.08 5.42 13.48
CA TRP B 356 -32.85 6.85 13.61
C TRP B 356 -32.25 7.28 14.94
N ILE B 357 -31.45 8.32 14.86
CA ILE B 357 -30.93 8.98 16.04
C ILE B 357 -31.72 10.25 16.23
N THR B 358 -32.50 10.31 17.30
CA THR B 358 -33.27 11.54 17.64
C THR B 358 -32.41 12.63 18.30
N LYS B 359 -32.88 13.87 18.15
CA LYS B 359 -32.31 15.05 18.82
C LYS B 359 -32.14 14.67 20.27
N GLN B 360 -33.16 14.05 20.83
CA GLN B 360 -33.13 13.73 22.24
C GLN B 360 -31.91 12.85 22.52
N GLU B 361 -31.78 11.70 21.86
CA GLU B 361 -30.60 10.81 22.09
C GLU B 361 -29.25 11.46 21.82
N TYR B 362 -29.16 12.33 20.82
CA TYR B 362 -27.97 13.10 20.60
C TYR B 362 -27.69 14.06 21.77
N ASP B 363 -28.69 14.84 22.20
CA ASP B 363 -28.52 15.72 23.36
C ASP B 363 -27.94 15.02 24.59
N GLU B 364 -28.33 13.76 24.81
CA GLU B 364 -27.85 12.92 25.93
C GLU B 364 -26.46 12.34 25.70
N ALA B 365 -26.28 11.62 24.59
CA ALA B 365 -25.09 10.80 24.41
C ALA B 365 -24.02 11.47 23.55
N GLY B 366 -24.33 12.63 22.99
CA GLY B 366 -23.38 13.35 22.11
C GLY B 366 -23.22 12.77 20.69
N PRO B 367 -22.24 13.29 19.91
CA PRO B 367 -21.89 12.85 18.55
C PRO B 367 -21.59 11.35 18.44
N SER B 368 -21.24 10.72 19.57
CA SER B 368 -20.75 9.34 19.62
C SER B 368 -21.80 8.30 19.44
N ILE B 369 -23.07 8.64 19.68
CA ILE B 369 -24.21 7.67 19.58
C ILE B 369 -24.31 7.06 18.16
N VAL B 370 -23.74 7.78 17.20
CA VAL B 370 -23.80 7.45 15.76
C VAL B 370 -23.22 6.06 15.45
N HIS B 371 -22.61 5.43 16.44
CA HIS B 371 -22.20 4.03 16.35
C HIS B 371 -23.19 3.19 17.15
N ARG B 372 -24.10 2.56 16.41
CA ARG B 372 -25.15 1.71 16.96
C ARG B 372 -24.86 0.20 16.79
N LYS B 373 -24.20 -0.16 15.69
CA LYS B 373 -23.90 -1.57 15.30
C LYS B 373 -24.84 -2.10 14.18
N CYS B 374 -24.65 -1.60 12.95
CA CYS B 374 -25.29 -2.15 11.72
C CYS B 374 -24.44 -1.88 10.47
#